data_9KYU
#
_entry.id   9KYU
#
_cell.length_a   1.00
_cell.length_b   1.00
_cell.length_c   1.00
_cell.angle_alpha   90.00
_cell.angle_beta   90.00
_cell.angle_gamma   90.00
#
_symmetry.space_group_name_H-M   'P 1'
#
loop_
_entity.id
_entity.type
_entity.pdbx_description
1 polymer Beta-arrestin-1
2 polymer 'C5aR1 phosphopeptide'
3 polymer 'Fab30 Heavy Chain'
4 polymer 'Fab30 Light Chain'
#
loop_
_entity_poly.entity_id
_entity_poly.type
_entity_poly.pdbx_seq_one_letter_code
_entity_poly.pdbx_strand_id
1 'polypeptide(L)'
;MGDKGTRVFKKASPNGKLTVYLGKRDFVDHIDLVDPVDGVVLVDPEYLKERRVYVTLTCAFRYGREDLDVLGLTFRKDLF
VANVQSFPPAPEDKKPLTRLQERLIKKLGEHAYPFTFEIPPNLPCSVTLQPGPEDTGKACGVDYEVKAFCAENLEEKIHK
RNSVRLVIRKVQYAPERPGPQPTAETTRQFLMSDKPLHLEASLDKEIYYHGEPISVNVHVTNNTNKTVKKIKISVRQYAD
ICLFNTAQYKCPVAMEEADDTVAPSSTFCKVYTLTPFLANNREKRGLALDGKLKHEDTNLASSTLLREGANREILGIIVS
YKVKVKLVVSRGGLLGDLASSDVAVELPFTLMHPKPKEEPPHREVPESETPVDTNLIELDTNDDDIVFEDFARQRLKGMK
DDKDEEDDGTGSPHLNNR
;
A,D
2 'polypeptide(L)' GGGD(SEP)K(TPO)F(TPO)P(SEP)(TPO)(TPO)D(TPO)(SEP)TRKSQAV U,X
3 'polypeptide(L)'
;EISEVQLVESGGGLVQPGGSLRLSCAASGFNVYSSSIHWVRQAPGKGLEWVASISSYYGYTYYADSVKGRFTISADTSKN
TAYLQMNSLRAEDTAVYYCARSRQFWYSGLDYWGQGTLVTVSSASTKGPSVFPLAPSSKSTSGGTAALGCLVKDYFPEPV
TVSWNSGALTSGVHTFPAVLQSSGLYSLSSVVTVPSSSLGTQTYICNVNHKPSNTKVDKKVEPKSCDKTHHHHHHHH
;
I,R
4 'polypeptide(L)'
;SDIQMTQSPSSLSASVGDRVTITCRASQSVSSAVAWYQQKPGKAPKLLIYSASSLYSGVPSRFSGSRSGTDFTLTISSLQ
PEDFATYYCQQYKYVPVTFGQGTKVEIKRTVAAPSVFIFPPSDSQLKSGTASVVCLLNNFYPREAKVQWKVDNALQSGNS
QESVTEQDSKDSTYSLSSTLTLSKADYEKHKVYACEVTHQGLSSPVTKSFNRGEC
;
M,Q
#
# COMPACT_ATOMS: atom_id res chain seq x y z
N THR A 6 36.07 15.01 -15.30
CA THR A 6 37.11 15.55 -16.16
C THR A 6 36.56 16.65 -17.07
N ARG A 7 35.27 16.93 -16.96
CA ARG A 7 34.73 18.05 -17.76
C ARG A 7 33.58 18.67 -16.99
N VAL A 8 33.38 19.95 -17.20
CA VAL A 8 32.38 20.75 -16.50
C VAL A 8 31.64 21.61 -17.51
N PHE A 9 30.41 21.99 -17.15
CA PHE A 9 29.61 22.86 -17.98
C PHE A 9 29.94 24.31 -17.69
N LYS A 10 29.95 25.14 -18.71
CA LYS A 10 30.29 26.55 -18.56
C LYS A 10 29.30 27.40 -19.34
N LYS A 11 28.68 28.35 -18.69
CA LYS A 11 27.79 29.32 -19.31
C LYS A 11 28.16 30.71 -18.82
N ALA A 12 28.12 31.67 -19.74
CA ALA A 12 28.57 33.02 -19.46
C ALA A 12 27.40 34.00 -19.52
N SER A 13 27.59 35.14 -18.86
CA SER A 13 26.60 36.21 -18.88
C SER A 13 26.59 36.88 -20.25
N PRO A 14 25.46 37.49 -20.62
CA PRO A 14 25.43 38.20 -21.92
C PRO A 14 26.52 39.24 -22.08
N ASN A 15 26.89 39.93 -21.00
CA ASN A 15 28.00 40.87 -21.07
C ASN A 15 29.36 40.19 -20.94
N GLY A 16 29.41 38.93 -20.51
CA GLY A 16 30.65 38.22 -20.33
C GLY A 16 31.34 38.44 -19.00
N LYS A 17 30.73 39.20 -18.09
CA LYS A 17 31.32 39.50 -16.80
C LYS A 17 30.93 38.52 -15.71
N LEU A 18 30.11 37.52 -16.02
CA LEU A 18 29.74 36.51 -15.05
C LEU A 18 29.69 35.15 -15.73
N THR A 19 30.40 34.18 -15.17
CA THR A 19 30.44 32.82 -15.70
C THR A 19 30.22 31.84 -14.57
N VAL A 20 29.29 30.92 -14.75
CA VAL A 20 28.97 29.89 -13.76
C VAL A 20 29.42 28.55 -14.31
N TYR A 21 30.08 27.76 -13.46
CA TYR A 21 30.59 26.45 -13.81
C TYR A 21 29.81 25.39 -13.04
N LEU A 22 29.24 24.44 -13.77
CA LEU A 22 28.51 23.33 -13.18
C LEU A 22 29.14 22.02 -13.64
N GLY A 23 29.34 21.11 -12.68
CA GLY A 23 29.92 19.82 -13.03
C GLY A 23 28.96 18.88 -13.73
N LYS A 24 27.66 19.10 -13.60
CA LYS A 24 26.66 18.26 -14.21
C LYS A 24 25.33 19.00 -14.24
N ARG A 25 24.42 18.52 -15.09
CA ARG A 25 23.08 19.08 -15.19
C ARG A 25 22.00 18.15 -14.65
N ASP A 26 22.32 16.89 -14.37
CA ASP A 26 21.39 15.92 -13.80
C ASP A 26 21.90 15.53 -12.43
N PHE A 27 21.07 15.72 -11.41
CA PHE A 27 21.43 15.41 -10.04
C PHE A 27 20.52 14.31 -9.54
N VAL A 28 21.11 13.21 -9.08
CA VAL A 28 20.36 11.99 -8.79
C VAL A 28 19.78 12.08 -7.38
N ASP A 29 18.47 11.81 -7.27
CA ASP A 29 17.81 11.69 -5.98
C ASP A 29 17.86 10.23 -5.53
N HIS A 30 18.43 9.99 -4.36
CA HIS A 30 18.49 8.65 -3.77
C HIS A 30 17.48 8.47 -2.65
N ILE A 31 16.32 9.12 -2.76
CA ILE A 31 15.24 9.07 -1.78
C ILE A 31 15.71 9.65 -0.45
N ASP A 32 16.74 9.04 0.14
CA ASP A 32 17.27 9.53 1.41
C ASP A 32 17.91 10.90 1.25
N LEU A 33 18.76 11.06 0.23
CA LEU A 33 19.43 12.34 -0.02
C LEU A 33 19.50 12.59 -1.51
N VAL A 34 19.76 13.84 -1.86
CA VAL A 34 19.88 14.27 -3.25
C VAL A 34 21.32 14.69 -3.51
N ASP A 35 21.76 14.52 -4.74
CA ASP A 35 23.09 14.97 -5.13
C ASP A 35 23.21 16.47 -4.89
N PRO A 36 24.23 16.93 -4.18
CA PRO A 36 24.35 18.38 -3.92
C PRO A 36 24.75 19.12 -5.18
N VAL A 37 24.08 20.25 -5.42
CA VAL A 37 24.40 21.12 -6.55
C VAL A 37 25.57 22.00 -6.11
N ASP A 38 26.76 21.68 -6.60
CA ASP A 38 27.96 22.47 -6.35
C ASP A 38 28.43 23.11 -7.65
N GLY A 39 29.29 24.11 -7.50
CA GLY A 39 29.81 24.78 -8.68
C GLY A 39 30.76 25.88 -8.29
N VAL A 40 31.26 26.57 -9.31
CA VAL A 40 32.19 27.68 -9.15
C VAL A 40 31.72 28.80 -10.07
N VAL A 41 31.71 30.02 -9.55
CA VAL A 41 31.30 31.19 -10.31
C VAL A 41 32.52 32.10 -10.47
N LEU A 42 32.75 32.55 -11.70
CA LEU A 42 33.89 33.39 -12.02
C LEU A 42 33.43 34.83 -12.10
N VAL A 43 34.03 35.70 -11.28
CA VAL A 43 33.63 37.09 -11.17
C VAL A 43 34.80 37.98 -11.55
N ASP A 44 34.53 39.29 -11.60
CA ASP A 44 35.56 40.30 -11.84
C ASP A 44 35.23 41.54 -11.01
N PRO A 45 35.88 41.70 -9.85
CA PRO A 45 35.50 42.81 -8.95
C PRO A 45 35.62 44.19 -9.55
N GLU A 46 36.45 44.38 -10.58
CA GLU A 46 36.54 45.68 -11.23
C GLU A 46 35.21 46.07 -11.87
N TYR A 47 34.55 45.12 -12.52
CA TYR A 47 33.21 45.37 -13.06
C TYR A 47 32.18 45.53 -11.94
N LEU A 48 32.29 44.72 -10.88
CA LEU A 48 31.24 44.65 -9.88
C LEU A 48 31.09 45.97 -9.12
N LYS A 49 32.22 46.62 -8.81
CA LYS A 49 32.28 47.87 -8.05
C LYS A 49 31.35 47.85 -6.84
N GLU A 50 31.65 46.97 -5.89
CA GLU A 50 31.00 46.78 -4.58
C GLU A 50 29.68 46.01 -4.66
N ARG A 51 29.29 45.51 -5.82
CA ARG A 51 28.14 44.62 -5.89
C ARG A 51 28.50 43.23 -5.38
N ARG A 52 27.47 42.44 -5.12
CA ARG A 52 27.63 41.07 -4.65
C ARG A 52 27.07 40.10 -5.67
N VAL A 53 27.70 38.93 -5.77
CA VAL A 53 27.28 37.89 -6.70
C VAL A 53 26.53 36.83 -5.94
N TYR A 54 25.26 36.63 -6.27
CA TYR A 54 24.41 35.63 -5.64
C TYR A 54 24.11 34.52 -6.62
N VAL A 55 23.97 33.31 -6.09
CA VAL A 55 23.57 32.14 -6.87
C VAL A 55 22.30 31.57 -6.25
N THR A 56 21.30 31.30 -7.09
CA THR A 56 20.00 30.87 -6.63
C THR A 56 19.62 29.53 -7.26
N LEU A 57 19.11 28.62 -6.43
CA LEU A 57 18.55 27.36 -6.88
C LEU A 57 17.04 27.41 -6.63
N THR A 58 16.25 27.30 -7.70
CA THR A 58 14.80 27.44 -7.61
C THR A 58 14.13 26.25 -8.28
N CYS A 59 13.21 25.62 -7.56
CA CYS A 59 12.33 24.60 -8.10
C CYS A 59 10.94 25.20 -8.26
N ALA A 60 10.47 25.27 -9.50
CA ALA A 60 9.22 25.96 -9.81
C ALA A 60 8.27 25.03 -10.56
N PHE A 61 6.98 25.25 -10.33
CA PHE A 61 5.92 24.56 -11.05
C PHE A 61 5.33 25.55 -12.05
N ARG A 62 5.66 25.37 -13.32
CA ARG A 62 5.27 26.33 -14.35
C ARG A 62 4.00 25.87 -15.07
N TYR A 63 3.44 26.78 -15.85
CA TYR A 63 2.27 26.49 -16.66
C TYR A 63 2.49 26.98 -18.09
N GLY A 64 3.33 27.99 -18.25
CA GLY A 64 3.64 28.54 -19.56
C GLY A 64 2.45 29.15 -20.27
N LEU A 73 -3.74 31.89 -17.93
CA LEU A 73 -3.34 31.03 -16.83
C LEU A 73 -1.95 31.39 -16.33
N THR A 74 -0.95 30.57 -16.68
CA THR A 74 0.45 30.77 -16.28
C THR A 74 0.56 30.82 -14.75
N PHE A 75 0.23 29.69 -14.13
CA PHE A 75 0.27 29.55 -12.67
C PHE A 75 1.66 29.08 -12.27
N ARG A 76 2.61 30.01 -12.28
CA ARG A 76 3.99 29.71 -11.91
C ARG A 76 4.17 29.92 -10.41
N LYS A 77 4.56 28.86 -9.71
CA LYS A 77 4.80 28.91 -8.28
C LYS A 77 6.16 28.26 -7.98
N ASP A 78 6.82 28.76 -6.94
CA ASP A 78 8.12 28.26 -6.52
C ASP A 78 7.93 27.26 -5.39
N LEU A 79 8.44 26.04 -5.58
CA LEU A 79 8.33 25.01 -4.56
C LEU A 79 9.52 24.97 -3.61
N PHE A 80 10.69 25.46 -4.05
CA PHE A 80 11.88 25.46 -3.20
C PHE A 80 12.87 26.47 -3.77
N VAL A 81 13.26 27.45 -2.96
CA VAL A 81 14.22 28.47 -3.35
C VAL A 81 15.38 28.45 -2.37
N ALA A 82 16.60 28.38 -2.89
CA ALA A 82 17.81 28.44 -2.09
C ALA A 82 18.72 29.49 -2.69
N ASN A 83 19.17 30.43 -1.86
CA ASN A 83 20.01 31.53 -2.30
C ASN A 83 21.32 31.51 -1.55
N VAL A 84 22.42 31.75 -2.26
CA VAL A 84 23.77 31.70 -1.70
C VAL A 84 24.55 32.90 -2.22
N GLN A 85 25.24 33.59 -1.33
CA GLN A 85 26.11 34.71 -1.70
C GLN A 85 27.51 34.17 -1.97
N SER A 86 27.90 34.11 -3.24
CA SER A 86 29.20 33.56 -3.61
C SER A 86 30.31 34.60 -3.54
N PHE A 87 30.03 35.84 -3.93
CA PHE A 87 31.00 36.92 -3.83
C PHE A 87 30.27 38.14 -3.28
N PRO A 88 30.80 38.78 -2.24
CA PRO A 88 31.97 38.38 -1.45
C PRO A 88 31.68 37.17 -0.58
N PRO A 89 32.69 36.34 -0.29
CA PRO A 89 32.45 35.18 0.58
C PRO A 89 32.09 35.62 1.99
N ALA A 90 31.27 34.81 2.64
CA ALA A 90 30.81 35.11 3.99
C ALA A 90 31.94 34.94 5.00
N LYS A 95 30.46 25.86 3.34
CA LYS A 95 30.58 24.43 3.11
C LYS A 95 31.98 24.06 2.65
N PRO A 96 32.45 22.88 3.06
CA PRO A 96 33.75 22.39 2.57
C PRO A 96 33.74 22.23 1.06
N LEU A 97 34.88 22.48 0.45
CA LEU A 97 34.99 22.47 -1.00
C LEU A 97 34.98 21.05 -1.55
N THR A 98 34.16 20.82 -2.56
CA THR A 98 34.21 19.58 -3.32
C THR A 98 35.49 19.53 -4.13
N ARG A 99 36.02 18.32 -4.30
CA ARG A 99 37.25 18.14 -5.09
C ARG A 99 37.11 18.80 -6.46
N LEU A 100 35.94 18.68 -7.07
CA LEU A 100 35.69 19.33 -8.35
C LEU A 100 35.77 20.85 -8.20
N GLN A 101 35.20 21.39 -7.12
CA GLN A 101 35.26 22.84 -6.90
C GLN A 101 36.70 23.30 -6.68
N GLU A 102 37.48 22.54 -5.91
CA GLU A 102 38.88 22.89 -5.71
C GLU A 102 39.65 22.88 -7.04
N ARG A 103 39.40 21.87 -7.87
CA ARG A 103 40.08 21.79 -9.16
C ARG A 103 39.68 22.93 -10.07
N LEU A 104 38.40 23.32 -10.05
CA LEU A 104 37.95 24.46 -10.83
C LEU A 104 38.56 25.76 -10.34
N ILE A 105 38.67 25.93 -9.03
CA ILE A 105 39.31 27.13 -8.48
C ILE A 105 40.77 27.19 -8.93
N LYS A 106 41.47 26.05 -8.88
CA LYS A 106 42.85 26.02 -9.34
C LYS A 106 42.95 26.37 -10.82
N LYS A 107 42.03 25.85 -11.63
CA LYS A 107 42.06 26.14 -13.06
C LYS A 107 41.81 27.62 -13.35
N LEU A 108 40.85 28.23 -12.66
CA LEU A 108 40.41 29.57 -13.00
C LEU A 108 41.28 30.64 -12.34
N GLY A 109 41.36 30.63 -11.02
CA GLY A 109 42.21 31.58 -10.33
C GLY A 109 41.63 32.14 -9.04
N GLU A 110 42.07 33.35 -8.69
CA GLU A 110 41.63 33.97 -7.43
C GLU A 110 40.20 34.50 -7.53
N HIS A 111 39.75 34.87 -8.72
CA HIS A 111 38.43 35.47 -8.90
C HIS A 111 37.33 34.44 -9.10
N ALA A 112 37.63 33.16 -8.90
CA ALA A 112 36.63 32.10 -8.95
C ALA A 112 36.18 31.78 -7.54
N TYR A 113 34.87 31.73 -7.33
CA TYR A 113 34.32 31.52 -6.00
C TYR A 113 33.28 30.42 -6.02
N PRO A 114 33.25 29.58 -5.00
CA PRO A 114 32.37 28.42 -5.02
C PRO A 114 30.96 28.73 -4.53
N PHE A 115 30.03 27.87 -4.93
CA PHE A 115 28.70 27.83 -4.36
C PHE A 115 28.28 26.38 -4.21
N THR A 116 27.42 26.11 -3.24
CA THR A 116 26.95 24.75 -2.99
C THR A 116 25.51 24.81 -2.50
N PHE A 117 24.68 23.93 -3.05
CA PHE A 117 23.28 23.82 -2.67
C PHE A 117 22.98 22.42 -2.18
N GLU A 118 21.97 22.32 -1.33
CA GLU A 118 21.50 21.04 -0.81
C GLU A 118 20.01 20.95 -1.08
N ILE A 119 19.61 20.04 -1.95
CA ILE A 119 18.20 19.87 -2.27
C ILE A 119 17.57 19.02 -1.18
N PRO A 120 16.61 19.53 -0.42
CA PRO A 120 15.98 18.71 0.60
C PRO A 120 15.18 17.59 -0.02
N PRO A 121 15.04 16.46 0.67
CA PRO A 121 14.22 15.36 0.12
C PRO A 121 12.75 15.72 0.03
N ASN A 122 11.95 14.79 -0.50
CA ASN A 122 10.51 15.00 -0.66
C ASN A 122 10.22 16.22 -1.54
N LEU A 123 11.04 16.41 -2.57
CA LEU A 123 10.82 17.41 -3.60
C LEU A 123 10.60 16.72 -4.94
N PRO A 124 9.85 17.33 -5.85
CA PRO A 124 9.55 16.66 -7.12
C PRO A 124 10.78 16.53 -8.00
N CYS A 125 10.74 15.53 -8.87
CA CYS A 125 11.72 15.39 -9.93
C CYS A 125 11.28 16.19 -11.15
N SER A 126 12.22 16.43 -12.05
CA SER A 126 11.93 17.19 -13.26
C SER A 126 10.96 16.40 -14.14
N VAL A 127 9.71 16.84 -14.18
CA VAL A 127 8.66 16.19 -14.95
C VAL A 127 7.99 17.24 -15.83
N THR A 128 7.91 16.97 -17.13
CA THR A 128 7.25 17.83 -18.09
C THR A 128 5.95 17.17 -18.53
N LEU A 129 4.86 17.91 -18.48
CA LEU A 129 3.58 17.43 -18.99
C LEU A 129 3.47 17.77 -20.47
N GLN A 130 3.09 16.79 -21.27
CA GLN A 130 3.04 16.97 -22.72
C GLN A 130 1.96 17.97 -23.09
N PRO A 131 2.29 19.05 -23.80
CA PRO A 131 1.27 20.02 -24.18
C PRO A 131 0.33 19.46 -25.23
N GLY A 132 -0.91 19.93 -25.19
CA GLY A 132 -1.90 19.55 -26.18
C GLY A 132 -1.64 20.23 -27.51
N PRO A 133 -2.24 19.71 -28.58
CA PRO A 133 -2.09 20.36 -29.88
C PRO A 133 -2.67 21.76 -29.94
N GLU A 134 -3.63 22.09 -29.07
CA GLU A 134 -4.26 23.41 -29.10
C GLU A 134 -3.27 24.51 -28.76
N ASP A 135 -2.43 24.28 -27.76
CA ASP A 135 -1.52 25.31 -27.26
C ASP A 135 -0.08 25.00 -27.66
N THR A 136 0.68 26.04 -27.95
CA THR A 136 2.08 25.94 -28.33
C THR A 136 2.94 26.82 -27.44
N GLY A 137 2.58 26.93 -26.17
CA GLY A 137 3.28 27.78 -25.23
C GLY A 137 4.47 27.10 -24.60
N LYS A 138 4.86 27.60 -23.44
CA LYS A 138 6.00 27.06 -22.71
C LYS A 138 5.63 25.76 -22.01
N ALA A 139 6.66 25.07 -21.50
CA ALA A 139 6.45 23.77 -20.88
C ALA A 139 5.79 23.90 -19.52
N CYS A 140 4.93 22.93 -19.20
CA CYS A 140 4.23 22.88 -17.92
C CYS A 140 4.76 21.70 -17.11
N GLY A 141 5.17 21.96 -15.88
CA GLY A 141 5.68 20.92 -15.03
C GLY A 141 6.66 21.48 -14.02
N VAL A 142 7.47 20.59 -13.46
CA VAL A 142 8.45 20.92 -12.44
C VAL A 142 9.83 20.96 -13.07
N ASP A 143 10.57 22.04 -12.80
CA ASP A 143 11.92 22.17 -13.32
C ASP A 143 12.77 22.94 -12.31
N TYR A 144 14.07 22.66 -12.32
CA TYR A 144 15.03 23.32 -11.47
C TYR A 144 15.91 24.25 -12.29
N GLU A 145 16.45 25.26 -11.63
CA GLU A 145 17.29 26.25 -12.30
C GLU A 145 18.34 26.75 -11.32
N VAL A 146 19.58 26.82 -11.80
CA VAL A 146 20.69 27.43 -11.07
C VAL A 146 20.96 28.77 -11.71
N LYS A 147 20.69 29.85 -10.99
CA LYS A 147 20.79 31.20 -11.50
C LYS A 147 21.86 31.97 -10.74
N ALA A 148 22.85 32.49 -11.44
CA ALA A 148 23.91 33.31 -10.87
C ALA A 148 23.75 34.74 -11.35
N PHE A 149 23.74 35.68 -10.42
CA PHE A 149 23.53 37.09 -10.76
C PHE A 149 24.33 37.94 -9.79
N CYS A 150 24.63 39.16 -10.22
CA CYS A 150 25.35 40.13 -9.40
C CYS A 150 24.45 41.32 -9.12
N ALA A 151 24.24 41.63 -7.84
CA ALA A 151 23.44 42.77 -7.45
C ALA A 151 23.87 43.20 -6.05
N GLU A 152 23.58 44.46 -5.72
CA GLU A 152 23.99 44.99 -4.42
C GLU A 152 23.25 44.28 -3.28
N ASN A 153 21.96 44.03 -3.45
CA ASN A 153 21.16 43.38 -2.43
C ASN A 153 20.24 42.37 -3.09
N LEU A 154 19.65 41.49 -2.27
CA LEU A 154 18.73 40.49 -2.77
C LEU A 154 17.37 41.07 -3.15
N GLU A 155 17.02 42.24 -2.60
CA GLU A 155 15.74 42.85 -2.95
C GLU A 155 15.75 43.46 -4.34
N GLU A 156 16.91 43.77 -4.89
CA GLU A 156 16.99 44.32 -6.23
C GLU A 156 16.61 43.27 -7.27
N LYS A 157 15.97 43.72 -8.34
CA LYS A 157 15.60 42.82 -9.43
C LYS A 157 16.85 42.28 -10.12
N ILE A 158 16.71 41.09 -10.70
CA ILE A 158 17.80 40.44 -11.40
C ILE A 158 17.83 40.94 -12.85
N HIS A 159 19.00 41.39 -13.29
CA HIS A 159 19.17 41.93 -14.63
C HIS A 159 19.60 40.83 -15.60
N LYS A 160 19.17 40.97 -16.86
CA LYS A 160 19.49 39.97 -17.86
C LYS A 160 20.97 40.00 -18.24
N ARG A 161 21.56 41.20 -18.33
CA ARG A 161 22.95 41.31 -18.71
C ARG A 161 23.87 40.75 -17.64
N ASN A 162 23.44 40.76 -16.38
CA ASN A 162 24.26 40.37 -15.26
C ASN A 162 24.05 38.94 -14.80
N SER A 163 23.04 38.24 -15.31
CA SER A 163 22.64 36.96 -14.78
C SER A 163 22.90 35.83 -15.76
N VAL A 164 23.14 34.64 -15.22
CA VAL A 164 23.27 33.41 -15.99
C VAL A 164 22.31 32.39 -15.41
N ARG A 165 21.44 31.83 -16.25
CA ARG A 165 20.48 30.82 -15.83
C ARG A 165 20.85 29.50 -16.49
N LEU A 166 21.04 28.45 -15.67
CA LEU A 166 21.28 27.11 -16.16
C LEU A 166 20.18 26.19 -15.64
N VAL A 167 19.52 25.50 -16.56
CA VAL A 167 18.49 24.54 -16.18
C VAL A 167 19.17 23.24 -15.78
N ILE A 168 18.85 22.75 -14.58
CA ILE A 168 19.33 21.46 -14.10
C ILE A 168 18.13 20.55 -13.89
N ARG A 169 18.41 19.26 -13.74
CA ARG A 169 17.35 18.27 -13.61
C ARG A 169 17.60 17.39 -12.39
N LYS A 170 16.53 17.10 -11.67
CA LYS A 170 16.55 16.14 -10.57
C LYS A 170 15.98 14.83 -11.10
N VAL A 171 16.81 13.79 -11.12
CA VAL A 171 16.45 12.53 -11.75
C VAL A 171 16.56 11.40 -10.74
N GLN A 172 15.88 10.30 -11.05
CA GLN A 172 15.95 9.08 -10.26
C GLN A 172 16.15 7.90 -11.20
N TYR A 173 16.97 6.95 -10.77
CA TYR A 173 17.29 5.77 -11.56
C TYR A 173 16.67 4.53 -10.93
N ALA A 174 16.61 3.47 -11.72
CA ALA A 174 15.95 2.25 -11.28
C ALA A 174 16.68 1.67 -10.07
N PRO A 175 15.94 1.14 -9.09
CA PRO A 175 16.59 0.51 -7.93
C PRO A 175 17.45 -0.67 -8.36
N GLU A 176 18.60 -0.81 -7.71
CA GLU A 176 19.54 -1.86 -8.08
C GLU A 176 18.95 -3.25 -7.82
N ARG A 177 18.30 -3.43 -6.68
CA ARG A 177 17.74 -4.73 -6.32
C ARG A 177 16.35 -4.87 -6.92
N PRO A 178 16.08 -5.91 -7.71
CA PRO A 178 14.72 -6.10 -8.24
C PRO A 178 13.73 -6.34 -7.11
N GLY A 179 12.52 -5.82 -7.29
CA GLY A 179 11.48 -5.96 -6.31
C GLY A 179 10.71 -7.26 -6.45
N PRO A 180 9.72 -7.47 -5.58
CA PRO A 180 8.89 -8.67 -5.69
C PRO A 180 8.06 -8.66 -6.97
N GLN A 181 7.82 -9.85 -7.50
CA GLN A 181 7.05 -9.97 -8.73
C GLN A 181 5.63 -9.46 -8.50
N PRO A 182 5.15 -8.52 -9.32
CA PRO A 182 3.80 -7.97 -9.11
C PRO A 182 2.74 -8.97 -9.57
N THR A 183 1.92 -9.42 -8.61
CA THR A 183 0.84 -10.36 -8.89
C THR A 183 -0.46 -9.77 -8.37
N ALA A 184 -1.55 -10.06 -9.08
CA ALA A 184 -2.88 -9.67 -8.64
C ALA A 184 -3.86 -10.76 -9.06
N GLU A 185 -4.85 -10.99 -8.22
CA GLU A 185 -5.89 -11.96 -8.53
C GLU A 185 -7.21 -11.51 -7.94
N THR A 186 -8.28 -11.70 -8.70
CA THR A 186 -9.62 -11.37 -8.28
C THR A 186 -10.55 -12.53 -8.60
N THR A 187 -11.74 -12.50 -8.03
CA THR A 187 -12.72 -13.55 -8.26
C THR A 187 -14.12 -12.96 -8.18
N ARG A 188 -15.01 -13.47 -9.03
CA ARG A 188 -16.39 -13.00 -9.10
C ARG A 188 -17.34 -14.17 -8.95
N GLN A 189 -18.42 -13.94 -8.23
CA GLN A 189 -19.50 -14.92 -8.09
C GLN A 189 -20.74 -14.38 -8.79
N PHE A 190 -21.47 -15.27 -9.46
CA PHE A 190 -22.64 -14.89 -10.23
C PHE A 190 -23.87 -15.62 -9.69
N LEU A 191 -25.03 -15.03 -9.96
CA LEU A 191 -26.28 -15.52 -9.36
C LEU A 191 -26.60 -16.93 -9.82
N MET A 192 -26.41 -17.23 -11.10
CA MET A 192 -26.81 -18.51 -11.67
C MET A 192 -25.64 -19.48 -11.81
N SER A 193 -24.50 -19.20 -11.20
CA SER A 193 -23.35 -20.10 -11.23
C SER A 193 -22.91 -20.38 -9.80
N ASP A 194 -22.77 -21.67 -9.48
CA ASP A 194 -22.34 -22.04 -8.14
C ASP A 194 -20.85 -21.81 -7.92
N LYS A 195 -20.04 -21.91 -8.98
CA LYS A 195 -18.61 -21.74 -8.88
C LYS A 195 -18.18 -20.38 -9.43
N PRO A 196 -17.11 -19.79 -8.93
CA PRO A 196 -16.75 -18.42 -9.29
C PRO A 196 -15.83 -18.33 -10.50
N LEU A 197 -15.77 -17.13 -11.06
CA LEU A 197 -14.84 -16.80 -12.12
C LEU A 197 -13.59 -16.20 -11.51
N HIS A 198 -12.43 -16.81 -11.78
CA HIS A 198 -11.17 -16.39 -11.22
C HIS A 198 -10.27 -15.80 -12.30
N LEU A 199 -9.62 -14.69 -11.96
CA LEU A 199 -8.67 -14.02 -12.85
C LEU A 199 -7.36 -13.83 -12.12
N GLU A 200 -6.27 -14.28 -12.73
CA GLU A 200 -4.92 -14.10 -12.20
C GLU A 200 -4.06 -13.41 -13.24
N ALA A 201 -3.39 -12.34 -12.85
CA ALA A 201 -2.47 -11.62 -13.71
C ALA A 201 -1.16 -11.37 -12.98
N SER A 202 -0.07 -11.34 -13.72
CA SER A 202 1.25 -11.11 -13.13
C SER A 202 2.17 -10.58 -14.21
N LEU A 203 3.26 -9.95 -13.76
CA LEU A 203 4.31 -9.46 -14.63
C LEU A 203 5.60 -10.20 -14.34
N ASP A 204 6.43 -10.37 -15.38
CA ASP A 204 7.67 -11.12 -15.23
C ASP A 204 8.68 -10.44 -14.31
N LYS A 205 8.55 -9.13 -14.08
CA LYS A 205 9.45 -8.42 -13.18
C LYS A 205 8.75 -7.16 -12.71
N GLU A 206 9.31 -6.55 -11.67
CA GLU A 206 8.71 -5.36 -11.07
C GLU A 206 9.31 -4.07 -11.61
N ILE A 207 10.58 -4.07 -12.00
CA ILE A 207 11.26 -2.88 -12.51
C ILE A 207 11.49 -3.06 -14.00
N TYR A 208 10.94 -2.16 -14.80
CA TYR A 208 11.13 -2.16 -16.24
C TYR A 208 11.89 -0.91 -16.66
N TYR A 209 12.59 -1.00 -17.78
CA TYR A 209 13.32 0.12 -18.34
C TYR A 209 12.57 0.69 -19.53
N HIS A 210 12.93 1.92 -19.90
CA HIS A 210 12.22 2.61 -20.96
C HIS A 210 12.53 1.98 -22.31
N GLY A 211 11.46 1.67 -23.07
CA GLY A 211 11.59 1.00 -24.34
C GLY A 211 11.59 -0.51 -24.26
N GLU A 212 11.76 -1.08 -23.07
CA GLU A 212 11.76 -2.53 -22.92
C GLU A 212 10.32 -3.04 -22.79
N PRO A 213 10.04 -4.24 -23.28
CA PRO A 213 8.68 -4.76 -23.26
C PRO A 213 8.27 -5.26 -21.88
N ILE A 214 6.96 -5.29 -21.67
CA ILE A 214 6.35 -5.75 -20.43
C ILE A 214 5.52 -6.98 -20.75
N SER A 215 5.83 -8.10 -20.08
CA SER A 215 5.13 -9.35 -20.31
C SER A 215 4.11 -9.57 -19.20
N VAL A 216 2.84 -9.72 -19.59
CA VAL A 216 1.74 -9.92 -18.65
C VAL A 216 1.25 -11.35 -18.79
N ASN A 217 1.39 -12.13 -17.72
CA ASN A 217 0.93 -13.51 -17.69
C ASN A 217 -0.47 -13.53 -17.09
N VAL A 218 -1.47 -13.86 -17.91
CA VAL A 218 -2.86 -13.85 -17.52
C VAL A 218 -3.37 -15.28 -17.44
N HIS A 219 -4.00 -15.63 -16.31
CA HIS A 219 -4.60 -16.94 -16.10
C HIS A 219 -6.05 -16.73 -15.70
N VAL A 220 -6.97 -17.14 -16.56
CA VAL A 220 -8.41 -17.01 -16.31
C VAL A 220 -8.98 -18.40 -16.11
N THR A 221 -9.66 -18.59 -14.99
CA THR A 221 -10.34 -19.85 -14.66
C THR A 221 -11.83 -19.56 -14.62
N ASN A 222 -12.51 -19.80 -15.74
CA ASN A 222 -13.94 -19.53 -15.88
C ASN A 222 -14.70 -20.79 -15.49
N ASN A 223 -15.23 -20.81 -14.27
CA ASN A 223 -16.11 -21.88 -13.82
C ASN A 223 -17.57 -21.48 -13.86
N THR A 224 -17.88 -20.26 -14.30
CA THR A 224 -19.25 -19.77 -14.34
C THR A 224 -19.94 -20.18 -15.62
N ASN A 225 -21.24 -19.90 -15.68
CA ASN A 225 -22.01 -20.11 -16.91
C ASN A 225 -21.71 -19.03 -17.94
N LYS A 226 -21.02 -17.96 -17.56
CA LYS A 226 -20.74 -16.83 -18.43
C LYS A 226 -19.36 -16.98 -19.06
N THR A 227 -19.24 -16.49 -20.29
CA THR A 227 -17.97 -16.48 -21.00
C THR A 227 -17.48 -15.03 -21.12
N VAL A 228 -16.16 -14.87 -21.08
CA VAL A 228 -15.56 -13.56 -21.28
C VAL A 228 -15.34 -13.35 -22.77
N LYS A 229 -15.72 -12.18 -23.26
CA LYS A 229 -15.63 -11.90 -24.69
C LYS A 229 -14.26 -11.37 -25.09
N LYS A 230 -13.72 -10.45 -24.32
CA LYS A 230 -12.45 -9.81 -24.63
C LYS A 230 -11.59 -9.75 -23.38
N ILE A 231 -10.27 -9.68 -23.59
CA ILE A 231 -9.31 -9.44 -22.52
C ILE A 231 -8.53 -8.18 -22.92
N LYS A 232 -8.88 -7.06 -22.30
CA LYS A 232 -8.23 -5.79 -22.59
C LYS A 232 -7.13 -5.54 -21.56
N ILE A 233 -5.90 -5.44 -22.04
CA ILE A 233 -4.73 -5.22 -21.18
C ILE A 233 -4.09 -3.91 -21.59
N SER A 234 -3.90 -3.02 -20.63
CA SER A 234 -3.37 -1.70 -20.90
C SER A 234 -2.33 -1.32 -19.85
N VAL A 235 -1.34 -0.56 -20.28
CA VAL A 235 -0.39 0.08 -19.38
C VAL A 235 -0.83 1.53 -19.21
N ARG A 236 -1.05 1.94 -17.97
CA ARG A 236 -1.59 3.26 -17.68
C ARG A 236 -0.61 4.03 -16.80
N GLN A 237 -0.45 5.32 -17.09
CA GLN A 237 0.40 6.21 -16.32
C GLN A 237 -0.46 7.05 -15.38
N TYR A 238 -0.10 7.06 -14.11
CA TYR A 238 -0.80 7.83 -13.09
C TYR A 238 0.08 9.01 -12.69
N ALA A 239 -0.40 10.21 -12.94
CA ALA A 239 0.30 11.43 -12.56
C ALA A 239 -0.47 12.10 -11.42
N ASP A 240 0.17 12.20 -10.25
CA ASP A 240 -0.41 12.85 -9.09
C ASP A 240 0.11 14.29 -9.04
N ILE A 241 -0.74 15.23 -9.44
CA ILE A 241 -0.37 16.63 -9.52
C ILE A 241 -1.06 17.37 -8.38
N CYS A 242 -0.27 18.00 -7.51
CA CYS A 242 -0.79 18.69 -6.33
C CYS A 242 -0.11 20.05 -6.22
N LEU A 243 -0.79 21.09 -6.71
CA LEU A 243 -0.39 22.46 -6.40
C LEU A 243 -1.47 23.20 -5.62
N PHE A 244 -2.68 23.30 -6.15
CA PHE A 244 -3.82 23.88 -5.43
C PHE A 244 -4.80 22.84 -4.95
N ASN A 245 -4.93 21.73 -5.67
CA ASN A 245 -5.89 20.67 -5.38
C ASN A 245 -5.16 19.34 -5.43
N THR A 246 -5.90 18.27 -5.09
CA THR A 246 -5.46 16.92 -5.36
C THR A 246 -6.04 16.47 -6.69
N ALA A 247 -5.19 15.93 -7.56
CA ALA A 247 -5.65 15.52 -8.88
C ALA A 247 -4.76 14.39 -9.38
N GLN A 248 -5.36 13.22 -9.58
CA GLN A 248 -4.69 12.10 -10.23
C GLN A 248 -5.22 11.97 -11.65
N TYR A 249 -4.30 11.93 -12.61
CA TYR A 249 -4.66 11.85 -14.02
C TYR A 249 -4.26 10.50 -14.58
N LYS A 250 -5.13 9.93 -15.40
CA LYS A 250 -4.94 8.62 -15.99
C LYS A 250 -4.66 8.75 -17.48
N CYS A 251 -3.67 8.00 -17.95
CA CYS A 251 -3.33 8.03 -19.37
C CYS A 251 -2.84 6.65 -19.80
N PRO A 252 -3.61 5.95 -20.64
CA PRO A 252 -3.15 4.65 -21.15
C PRO A 252 -2.04 4.81 -22.18
N VAL A 253 -0.81 4.45 -21.80
CA VAL A 253 0.32 4.60 -22.71
C VAL A 253 0.50 3.39 -23.61
N ALA A 254 -0.13 2.25 -23.31
CA ALA A 254 -0.11 1.08 -24.17
C ALA A 254 -1.41 0.32 -23.96
N MET A 255 -1.87 -0.34 -25.02
CA MET A 255 -3.11 -1.09 -24.98
C MET A 255 -2.98 -2.34 -25.83
N GLU A 256 -3.80 -3.33 -25.51
CA GLU A 256 -3.89 -4.56 -26.32
C GLU A 256 -5.28 -5.14 -26.12
N GLU A 257 -6.18 -4.89 -27.07
CA GLU A 257 -7.52 -5.46 -27.03
C GLU A 257 -7.48 -6.81 -27.75
N ALA A 258 -7.53 -7.87 -26.96
CA ALA A 258 -7.45 -9.23 -27.50
C ALA A 258 -8.84 -9.84 -27.61
N ASP A 259 -9.08 -10.55 -28.70
CA ASP A 259 -10.34 -11.25 -28.93
C ASP A 259 -10.34 -12.65 -28.31
N ASP A 260 -9.50 -12.89 -27.30
CA ASP A 260 -9.41 -14.20 -26.68
C ASP A 260 -10.65 -14.45 -25.84
N THR A 261 -11.33 -15.57 -26.11
CA THR A 261 -12.57 -15.92 -25.44
C THR A 261 -12.34 -17.14 -24.56
N VAL A 262 -12.82 -17.09 -23.32
CA VAL A 262 -12.75 -18.20 -22.38
C VAL A 262 -14.15 -18.78 -22.26
N ALA A 263 -14.29 -20.05 -22.65
CA ALA A 263 -15.60 -20.69 -22.64
C ALA A 263 -16.04 -20.96 -21.21
N PRO A 264 -17.35 -21.07 -20.98
CA PRO A 264 -17.83 -21.46 -19.65
C PRO A 264 -17.29 -22.84 -19.27
N SER A 265 -16.96 -22.98 -17.98
CA SER A 265 -16.35 -24.20 -17.45
C SER A 265 -15.06 -24.53 -18.19
N SER A 266 -14.25 -23.50 -18.45
CA SER A 266 -12.96 -23.67 -19.12
C SER A 266 -11.97 -22.67 -18.55
N THR A 267 -10.69 -23.00 -18.70
CA THR A 267 -9.60 -22.16 -18.22
C THR A 267 -8.77 -21.66 -19.40
N PHE A 268 -7.98 -20.62 -19.14
CA PHE A 268 -7.22 -19.95 -20.19
C PHE A 268 -5.97 -19.34 -19.58
N CYS A 269 -4.85 -19.50 -20.29
CA CYS A 269 -3.57 -18.96 -19.85
C CYS A 269 -2.83 -18.41 -21.05
N LYS A 270 -2.46 -17.13 -20.99
CA LYS A 270 -1.74 -16.48 -22.08
C LYS A 270 -0.75 -15.48 -21.51
N VAL A 271 0.27 -15.17 -22.31
CA VAL A 271 1.27 -14.17 -21.96
C VAL A 271 1.19 -13.06 -23.00
N TYR A 272 0.97 -11.84 -22.54
CA TYR A 272 0.84 -10.67 -23.42
C TYR A 272 2.05 -9.77 -23.24
N THR A 273 2.53 -9.22 -24.34
CA THR A 273 3.70 -8.34 -24.35
C THR A 273 3.28 -6.93 -24.74
N LEU A 274 3.64 -5.95 -23.92
CA LEU A 274 3.34 -4.56 -24.16
C LEU A 274 4.59 -3.73 -24.01
N THR A 275 4.72 -2.68 -24.82
CA THR A 275 5.84 -1.76 -24.74
C THR A 275 5.30 -0.33 -24.81
N PRO A 276 5.38 0.43 -23.72
CA PRO A 276 5.00 1.85 -23.78
C PRO A 276 6.10 2.67 -24.44
N PHE A 277 5.72 3.53 -25.38
CA PHE A 277 6.66 4.41 -26.05
C PHE A 277 5.91 5.65 -26.51
N LEU A 278 6.69 6.67 -26.88
CA LEU A 278 6.16 8.02 -27.11
C LEU A 278 5.62 8.23 -28.51
N ALA A 279 5.93 7.36 -29.48
CA ALA A 279 5.54 7.61 -30.86
C ALA A 279 4.02 7.66 -31.02
N ASN A 280 3.30 6.77 -30.35
CA ASN A 280 1.85 6.71 -30.47
C ASN A 280 1.13 7.46 -29.35
N ASN A 281 1.86 8.14 -28.46
CA ASN A 281 1.27 8.86 -27.35
C ASN A 281 1.45 10.37 -27.48
N ARG A 282 1.76 10.87 -28.67
CA ARG A 282 2.09 12.27 -28.85
C ARG A 282 0.86 13.17 -28.90
N GLU A 283 -0.35 12.60 -28.98
CA GLU A 283 -1.57 13.37 -29.02
C GLU A 283 -2.28 13.47 -27.68
N LYS A 284 -1.68 12.91 -26.62
CA LYS A 284 -2.31 12.84 -25.31
C LYS A 284 -1.82 14.03 -24.48
N ARG A 285 -2.68 15.02 -24.30
CA ARG A 285 -2.33 16.19 -23.49
C ARG A 285 -2.24 15.81 -22.03
N GLY A 286 -1.27 16.40 -21.33
CA GLY A 286 -1.06 16.14 -19.92
C GLY A 286 -0.25 14.90 -19.63
N LEU A 287 0.18 14.17 -20.65
CA LEU A 287 1.02 13.00 -20.43
C LEU A 287 2.37 13.42 -19.87
N ALA A 288 2.74 12.83 -18.73
CA ALA A 288 3.97 13.22 -18.06
C ALA A 288 5.17 12.69 -18.82
N LEU A 289 6.14 13.56 -19.08
CA LEU A 289 7.40 13.21 -19.72
C LEU A 289 8.55 13.55 -18.77
N ASP A 290 9.70 12.95 -19.04
CA ASP A 290 10.88 13.28 -18.25
C ASP A 290 11.28 14.73 -18.50
N GLY A 291 11.98 15.30 -17.53
CA GLY A 291 12.33 16.71 -17.63
C GLY A 291 13.18 17.01 -18.85
N LYS A 292 12.84 18.09 -19.54
CA LYS A 292 13.57 18.55 -20.71
C LYS A 292 14.55 19.65 -20.32
N LEU A 293 15.63 19.76 -21.10
CA LEU A 293 16.56 20.87 -20.90
C LEU A 293 16.05 22.12 -21.60
N LYS A 294 15.91 22.09 -22.93
CA LYS A 294 15.25 23.18 -23.64
C LYS A 294 13.95 22.72 -24.31
N HIS A 295 14.02 21.88 -25.34
CA HIS A 295 12.80 21.36 -25.95
C HIS A 295 12.96 19.95 -26.52
N GLU A 296 14.01 19.22 -26.15
CA GLU A 296 14.32 17.96 -26.81
C GLU A 296 13.26 16.90 -26.48
N ASP A 297 13.26 15.83 -27.27
CA ASP A 297 12.38 14.70 -26.98
C ASP A 297 12.87 13.98 -25.74
N THR A 298 12.03 13.91 -24.72
CA THR A 298 12.25 13.10 -23.55
C THR A 298 11.21 12.00 -23.52
N ASN A 299 11.62 10.81 -23.08
CA ASN A 299 10.74 9.67 -23.04
C ASN A 299 9.63 9.88 -22.01
N LEU A 300 8.75 8.88 -21.89
CA LEU A 300 7.71 8.93 -20.88
C LEU A 300 8.32 9.07 -19.50
N ALA A 301 7.59 9.72 -18.60
CA ALA A 301 8.14 10.04 -17.29
C ALA A 301 8.50 8.78 -16.53
N SER A 302 9.65 8.81 -15.87
CA SER A 302 10.05 7.70 -15.01
C SER A 302 9.18 7.66 -13.76
N SER A 303 9.02 6.45 -13.22
CA SER A 303 8.33 6.32 -11.95
C SER A 303 9.14 6.99 -10.85
N THR A 304 8.46 7.76 -10.01
CA THR A 304 9.11 8.45 -8.90
C THR A 304 9.19 7.53 -7.70
N LEU A 305 10.39 7.42 -7.13
CA LEU A 305 10.63 6.56 -5.98
C LEU A 305 10.41 7.36 -4.70
N LEU A 306 9.53 6.87 -3.84
CA LEU A 306 9.21 7.52 -2.58
C LEU A 306 9.69 6.65 -1.42
N ARG A 307 9.55 7.19 -0.21
CA ARG A 307 9.85 6.40 0.99
C ARG A 307 8.90 5.22 1.07
N GLU A 308 9.38 4.13 1.68
CA GLU A 308 8.60 2.90 1.76
C GLU A 308 7.21 3.15 2.32
N GLY A 309 7.14 3.63 3.56
CA GLY A 309 5.88 4.09 4.11
C GLY A 309 6.00 5.50 4.67
N ALA A 310 5.36 6.47 4.02
CA ALA A 310 5.39 7.84 4.52
C ALA A 310 3.99 8.45 4.53
N ASN A 311 3.13 7.99 3.62
CA ASN A 311 1.78 8.53 3.47
C ASN A 311 1.82 10.05 3.30
N ARG A 312 2.84 10.54 2.59
CA ARG A 312 3.11 11.95 2.46
C ARG A 312 2.78 12.42 1.06
N GLU A 313 2.08 13.54 0.96
CA GLU A 313 1.76 14.16 -0.32
C GLU A 313 2.74 15.29 -0.61
N ILE A 314 3.19 15.36 -1.86
CA ILE A 314 4.26 16.26 -2.27
C ILE A 314 3.70 17.26 -3.27
N LEU A 315 3.97 18.55 -3.02
CA LEU A 315 3.66 19.58 -4.01
C LEU A 315 4.48 19.34 -5.28
N GLY A 316 3.83 18.94 -6.35
CA GLY A 316 4.53 18.65 -7.58
C GLY A 316 3.76 17.62 -8.40
N ILE A 317 4.51 16.82 -9.15
CA ILE A 317 3.95 15.77 -9.99
C ILE A 317 4.56 14.44 -9.58
N ILE A 318 3.70 13.46 -9.29
CA ILE A 318 4.11 12.13 -8.87
C ILE A 318 3.63 11.15 -9.93
N VAL A 319 4.56 10.40 -10.52
CA VAL A 319 4.29 9.54 -11.66
C VAL A 319 4.41 8.08 -11.22
N SER A 320 3.39 7.29 -11.56
CA SER A 320 3.40 5.85 -11.32
C SER A 320 2.72 5.15 -12.49
N TYR A 321 3.04 3.87 -12.64
CA TYR A 321 2.53 3.07 -13.74
C TYR A 321 1.88 1.79 -13.22
N LYS A 322 0.83 1.36 -13.89
CA LYS A 322 0.17 0.09 -13.59
C LYS A 322 -0.26 -0.58 -14.88
N VAL A 323 -0.39 -1.89 -14.84
CA VAL A 323 -0.95 -2.68 -15.93
C VAL A 323 -2.33 -3.15 -15.50
N LYS A 324 -3.35 -2.77 -16.27
CA LYS A 324 -4.73 -3.15 -15.97
C LYS A 324 -5.15 -4.25 -16.93
N VAL A 325 -5.49 -5.41 -16.39
CA VAL A 325 -6.00 -6.54 -17.16
C VAL A 325 -7.49 -6.63 -16.88
N LYS A 326 -8.31 -6.39 -17.90
CA LYS A 326 -9.76 -6.32 -17.75
C LYS A 326 -10.41 -7.37 -18.63
N LEU A 327 -11.28 -8.17 -18.02
CA LEU A 327 -12.09 -9.16 -18.73
C LEU A 327 -13.46 -8.57 -19.02
N VAL A 328 -13.95 -8.79 -20.24
CA VAL A 328 -15.28 -8.35 -20.65
C VAL A 328 -16.17 -9.59 -20.65
N VAL A 329 -16.99 -9.72 -19.62
CA VAL A 329 -17.86 -10.88 -19.44
C VAL A 329 -19.16 -10.64 -20.17
N SER A 330 -19.69 -11.69 -20.79
CA SER A 330 -20.93 -11.57 -21.55
C SER A 330 -22.09 -11.17 -20.64
N ARG A 331 -22.94 -10.29 -21.16
CA ARG A 331 -24.06 -9.77 -20.38
C ARG A 331 -25.23 -10.75 -20.42
N GLY A 332 -26.38 -10.33 -19.93
CA GLY A 332 -27.56 -11.17 -19.87
C GLY A 332 -27.76 -11.78 -18.49
N GLY A 333 -28.56 -12.85 -18.49
CA GLY A 333 -28.89 -13.54 -17.26
C GLY A 333 -30.11 -12.96 -16.57
N LEU A 334 -30.66 -13.75 -15.64
CA LEU A 334 -31.84 -13.31 -14.89
C LEU A 334 -31.52 -12.11 -14.01
N LEU A 335 -30.33 -12.10 -13.40
CA LEU A 335 -29.96 -10.99 -12.52
C LEU A 335 -29.87 -9.67 -13.29
N GLY A 336 -29.28 -9.71 -14.48
CA GLY A 336 -29.23 -8.54 -15.34
C GLY A 336 -27.96 -7.72 -15.23
N ASP A 337 -28.12 -6.40 -15.16
CA ASP A 337 -27.00 -5.47 -15.17
C ASP A 337 -26.41 -5.24 -13.79
N LEU A 338 -26.89 -5.91 -12.76
CA LEU A 338 -26.39 -5.75 -11.41
C LEU A 338 -25.18 -6.64 -11.12
N ALA A 339 -24.47 -7.09 -12.15
CA ALA A 339 -23.28 -7.92 -12.02
C ALA A 339 -22.10 -7.25 -12.70
N SER A 340 -20.93 -7.85 -12.51
CA SER A 340 -19.69 -7.32 -13.08
C SER A 340 -19.61 -7.69 -14.56
N SER A 341 -19.62 -6.68 -15.43
CA SER A 341 -19.29 -6.87 -16.82
C SER A 341 -17.81 -6.64 -17.11
N ASP A 342 -17.08 -6.08 -16.14
CA ASP A 342 -15.65 -5.81 -16.28
C ASP A 342 -14.96 -6.32 -15.02
N VAL A 343 -14.21 -7.41 -15.15
CA VAL A 343 -13.46 -8.00 -14.05
C VAL A 343 -12.00 -7.64 -14.27
N ALA A 344 -11.50 -6.66 -13.51
CA ALA A 344 -10.20 -6.07 -13.76
C ALA A 344 -9.28 -6.24 -12.57
N VAL A 345 -7.98 -6.35 -12.85
CA VAL A 345 -6.93 -6.30 -11.85
C VAL A 345 -5.87 -5.32 -12.35
N GLU A 346 -5.12 -4.77 -11.40
CA GLU A 346 -4.08 -3.80 -11.73
C GLU A 346 -2.75 -4.24 -11.11
N LEU A 347 -1.68 -4.06 -11.88
CA LEU A 347 -0.35 -4.55 -11.52
C LEU A 347 0.64 -3.39 -11.47
N PRO A 348 0.97 -2.88 -10.28
CA PRO A 348 1.90 -1.75 -10.21
C PRO A 348 3.34 -2.19 -10.49
N PHE A 349 3.96 -1.53 -11.46
CA PHE A 349 5.35 -1.79 -11.82
C PHE A 349 6.12 -0.48 -11.86
N THR A 350 7.43 -0.60 -12.02
CA THR A 350 8.33 0.55 -12.00
C THR A 350 8.95 0.72 -13.38
N LEU A 351 8.77 1.91 -13.96
CA LEU A 351 9.33 2.27 -15.26
C LEU A 351 10.39 3.33 -15.04
N MET A 352 11.66 2.96 -15.20
CA MET A 352 12.76 3.84 -14.85
C MET A 352 13.91 3.64 -15.83
N HIS A 353 15.01 4.33 -15.56
CA HIS A 353 16.27 4.25 -16.28
C HIS A 353 17.30 3.49 -15.45
N PRO A 354 18.06 2.60 -16.06
CA PRO A 354 19.15 1.95 -15.31
C PRO A 354 20.19 2.97 -14.87
N LYS A 355 20.82 2.70 -13.73
CA LYS A 355 21.89 3.56 -13.26
C LYS A 355 23.01 3.56 -14.29
N PRO A 356 23.53 4.73 -14.68
CA PRO A 356 24.56 4.77 -15.71
C PRO A 356 25.82 4.03 -15.29
N LYS A 357 26.52 3.47 -16.27
CA LYS A 357 27.72 2.67 -16.04
C LYS A 357 27.42 1.47 -15.16
N TPO B 7 25.78 38.69 -30.81
CA TPO B 7 24.84 39.45 -29.99
CB TPO B 7 24.19 40.54 -30.81
CG2 TPO B 7 25.25 41.58 -31.22
OG1 TPO B 7 23.61 39.97 -31.99
P TPO B 7 22.30 40.83 -32.33
O1P TPO B 7 21.16 39.91 -32.54
O2P TPO B 7 21.97 41.84 -31.14
O3P TPO B 7 22.57 41.67 -33.69
C TPO B 7 23.79 38.54 -29.38
O TPO B 7 22.92 38.99 -28.63
N PHE B 8 23.87 37.25 -29.71
CA PHE B 8 22.95 36.27 -29.15
C PHE B 8 23.36 35.89 -27.73
N TPO B 9 22.43 35.27 -27.00
CA TPO B 9 22.68 34.88 -25.61
CB TPO B 9 21.37 34.51 -24.94
CG2 TPO B 9 21.63 33.90 -23.55
OG1 TPO B 9 20.54 35.66 -24.79
P TPO B 9 19.08 35.27 -25.34
O1P TPO B 9 19.18 34.07 -26.19
O2P TPO B 9 18.12 34.96 -24.09
O3P TPO B 9 18.47 36.50 -26.19
C TPO B 9 23.67 33.72 -25.53
O TPO B 9 23.46 32.69 -26.16
N PRO B 10 24.75 33.90 -24.76
CA PRO B 10 25.78 32.87 -24.57
C PRO B 10 25.21 31.56 -24.04
N SEP B 11 25.10 30.57 -24.92
CA SEP B 11 24.55 29.28 -24.52
CB SEP B 11 24.08 28.50 -25.75
OG SEP B 11 25.06 28.51 -26.76
C SEP B 11 25.57 28.45 -23.74
O SEP B 11 26.69 28.90 -23.51
P SEP B 11 24.39 28.08 -28.16
O1P SEP B 11 22.89 28.67 -28.23
O2P SEP B 11 25.25 28.68 -29.38
O3P SEP B 11 24.34 26.47 -28.26
N TPO B 12 25.16 27.25 -23.35
CA TPO B 12 25.97 26.41 -22.49
CB TPO B 12 25.09 25.44 -21.72
CG2 TPO B 12 25.93 24.68 -20.68
OG1 TPO B 12 24.05 26.16 -21.07
P TPO B 12 22.68 25.83 -21.84
O1P TPO B 12 22.51 24.37 -21.95
O2P TPO B 12 21.44 26.45 -21.01
O3P TPO B 12 22.72 26.50 -23.30
C TPO B 12 27.03 25.64 -23.28
O TPO B 12 26.73 24.99 -24.28
N TPO B 13 28.27 25.72 -22.83
CA TPO B 13 29.35 24.94 -23.40
CB TPO B 13 30.29 25.82 -24.22
CG2 TPO B 13 30.86 26.93 -23.34
OG1 TPO B 13 31.36 25.01 -24.72
P TPO B 13 31.17 24.87 -26.31
O1P TPO B 13 32.08 25.80 -27.00
O2P TPO B 13 29.66 25.23 -26.71
O3P TPO B 13 31.50 23.36 -26.75
C TPO B 13 30.11 24.25 -22.28
O TPO B 13 29.70 24.28 -21.13
N ASP B 14 31.23 23.60 -22.63
CA ASP B 14 32.02 22.90 -21.62
C ASP B 14 33.49 23.30 -21.71
N TPO B 15 34.25 22.96 -20.68
CA TPO B 15 35.67 23.26 -20.65
CB TPO B 15 35.91 24.67 -20.12
CG2 TPO B 15 35.27 24.84 -18.74
OG1 TPO B 15 37.31 24.92 -20.02
P TPO B 15 37.65 26.08 -21.09
O1P TPO B 15 36.99 27.34 -20.68
O2P TPO B 15 39.24 26.31 -21.14
O3P TPO B 15 37.12 25.64 -22.55
C TPO B 15 36.41 22.24 -19.79
O TPO B 15 35.88 21.75 -18.80
N SEP B 16 37.63 21.89 -20.20
CA SEP B 16 38.43 20.93 -19.46
CB SEP B 16 39.69 20.55 -20.23
OG SEP B 16 40.24 21.68 -20.89
C SEP B 16 38.79 21.49 -18.08
O SEP B 16 39.19 22.65 -17.97
P SEP B 16 40.17 21.45 -22.48
O1P SEP B 16 38.67 21.68 -23.01
O2P SEP B 16 41.16 22.49 -23.22
O3P SEP B 16 40.64 19.94 -22.83
N THR B 17 38.63 20.67 -17.06
CA THR B 17 38.83 21.11 -15.68
C THR B 17 40.31 21.15 -15.29
N ARG B 18 41.17 21.30 -16.29
CA ARG B 18 42.61 21.38 -16.04
C ARG B 18 43.19 22.65 -16.66
N VAL C 5 22.45 -11.31 -28.85
CA VAL C 5 22.47 -10.02 -29.53
C VAL C 5 23.23 -10.14 -30.84
N GLN C 6 22.50 -10.14 -31.95
CA GLN C 6 23.11 -10.33 -33.26
C GLN C 6 22.26 -9.64 -34.32
N LEU C 7 22.93 -9.10 -35.33
CA LEU C 7 22.28 -8.45 -36.46
C LEU C 7 22.64 -9.18 -37.74
N VAL C 8 21.65 -9.48 -38.56
CA VAL C 8 21.85 -10.20 -39.81
C VAL C 8 21.08 -9.50 -40.92
N GLU C 9 21.69 -9.39 -42.09
CA GLU C 9 21.15 -8.64 -43.20
C GLU C 9 20.78 -9.57 -44.35
N SER C 10 19.99 -9.04 -45.28
CA SER C 10 19.60 -9.75 -46.49
C SER C 10 18.91 -8.79 -47.44
N GLY C 11 19.27 -8.88 -48.72
CA GLY C 11 18.57 -8.09 -49.72
C GLY C 11 19.46 -7.32 -50.69
N GLY C 12 20.77 -7.47 -50.56
CA GLY C 12 21.70 -6.77 -51.42
C GLY C 12 21.96 -7.55 -52.69
N GLY C 13 21.91 -6.85 -53.83
CA GLY C 13 22.11 -7.52 -55.11
C GLY C 13 22.33 -6.52 -56.22
N LEU C 14 22.58 -7.06 -57.40
CA LEU C 14 22.84 -6.24 -58.58
C LEU C 14 21.53 -5.67 -59.14
N VAL C 15 21.50 -4.35 -59.33
CA VAL C 15 20.36 -3.66 -59.93
C VAL C 15 20.88 -2.65 -60.94
N GLN C 16 20.00 -2.27 -61.86
CA GLN C 16 20.35 -1.29 -62.87
C GLN C 16 20.12 0.13 -62.35
N PRO C 17 20.85 1.12 -62.87
CA PRO C 17 20.60 2.51 -62.46
C PRO C 17 19.16 2.90 -62.73
N GLY C 18 18.58 3.61 -61.76
CA GLY C 18 17.16 3.89 -61.78
C GLY C 18 16.30 2.79 -61.20
N GLY C 19 16.89 1.66 -60.82
CA GLY C 19 16.14 0.57 -60.23
C GLY C 19 15.86 0.78 -58.76
N SER C 20 15.17 -0.20 -58.18
CA SER C 20 14.80 -0.16 -56.77
C SER C 20 15.19 -1.47 -56.09
N LEU C 21 15.62 -1.35 -54.84
CA LEU C 21 16.02 -2.51 -54.04
C LEU C 21 15.57 -2.31 -52.60
N ARG C 22 15.28 -3.42 -51.93
CA ARG C 22 14.83 -3.40 -50.55
C ARG C 22 15.79 -4.21 -49.70
N LEU C 23 16.37 -3.58 -48.69
CA LEU C 23 17.33 -4.21 -47.80
C LEU C 23 16.69 -4.41 -46.44
N SER C 24 16.84 -5.61 -45.88
CA SER C 24 16.22 -5.96 -44.60
C SER C 24 17.31 -6.24 -43.58
N CYS C 25 16.99 -5.94 -42.32
CA CYS C 25 17.93 -6.08 -41.20
C CYS C 25 17.20 -6.81 -40.07
N ALA C 26 17.37 -8.13 -40.02
CA ALA C 26 16.69 -8.96 -39.01
C ALA C 26 17.40 -8.78 -37.68
N ALA C 27 16.90 -7.86 -36.87
CA ALA C 27 17.48 -7.58 -35.57
C ALA C 27 16.98 -8.58 -34.54
N SER C 28 17.90 -9.15 -33.77
CA SER C 28 17.56 -10.11 -32.73
C SER C 28 18.39 -9.85 -31.50
N GLY C 29 17.85 -10.20 -30.34
CA GLY C 29 18.52 -9.99 -29.08
C GLY C 29 18.29 -8.66 -28.42
N PHE C 30 17.55 -7.76 -29.06
CA PHE C 30 17.23 -6.47 -28.45
C PHE C 30 15.90 -5.98 -29.02
N ASN C 31 15.34 -4.98 -28.37
CA ASN C 31 14.01 -4.48 -28.70
C ASN C 31 14.13 -3.23 -29.57
N VAL C 32 13.19 -3.08 -30.50
CA VAL C 32 13.21 -1.96 -31.41
C VAL C 32 12.90 -0.63 -30.72
N TYR C 33 12.31 -0.67 -29.53
CA TYR C 33 11.98 0.57 -28.82
C TYR C 33 13.03 0.97 -27.80
N SER C 34 13.90 0.05 -27.38
CA SER C 34 15.06 0.37 -26.57
C SER C 34 16.32 0.56 -27.40
N SER C 35 16.21 0.48 -28.72
CA SER C 35 17.36 0.61 -29.61
C SER C 35 16.98 1.47 -30.81
N SER C 36 18.00 2.02 -31.45
CA SER C 36 17.84 2.76 -32.70
C SER C 36 18.61 2.03 -33.79
N ILE C 37 17.98 1.87 -34.95
CA ILE C 37 18.54 1.10 -36.06
C ILE C 37 19.04 2.06 -37.12
N HIS C 38 20.29 1.87 -37.54
CA HIS C 38 20.96 2.77 -38.46
C HIS C 38 21.48 2.01 -39.66
N TRP C 39 21.51 2.68 -40.81
CA TRP C 39 22.11 2.15 -42.02
C TRP C 39 23.32 2.99 -42.39
N VAL C 40 24.46 2.33 -42.59
CA VAL C 40 25.71 2.99 -42.93
C VAL C 40 26.29 2.29 -44.15
N ARG C 41 26.28 2.97 -45.29
CA ARG C 41 26.88 2.43 -46.50
C ARG C 41 28.39 2.61 -46.47
N GLN C 42 29.06 1.95 -47.40
CA GLN C 42 30.50 2.11 -47.56
C GLN C 42 30.88 1.76 -48.99
N ALA C 43 31.17 2.77 -49.80
CA ALA C 43 31.60 2.52 -51.16
C ALA C 43 32.92 1.77 -51.17
N PRO C 44 33.14 0.88 -52.13
CA PRO C 44 34.38 0.08 -52.14
C PRO C 44 35.60 0.97 -52.23
N GLY C 45 36.54 0.75 -51.31
CA GLY C 45 37.75 1.54 -51.24
C GLY C 45 37.61 2.89 -50.55
N LYS C 46 36.44 3.18 -49.98
CA LYS C 46 36.19 4.46 -49.33
C LYS C 46 35.81 4.23 -47.87
N GLY C 47 35.41 5.31 -47.19
CA GLY C 47 35.07 5.26 -45.79
C GLY C 47 33.58 5.12 -45.56
N LEU C 48 33.24 4.99 -44.27
CA LEU C 48 31.85 4.80 -43.87
C LEU C 48 31.05 6.07 -44.10
N GLU C 49 29.77 5.90 -44.45
CA GLU C 49 28.87 7.01 -44.69
C GLU C 49 27.48 6.64 -44.20
N TRP C 50 26.98 7.40 -43.23
CA TRP C 50 25.63 7.17 -42.71
C TRP C 50 24.60 7.63 -43.72
N VAL C 51 23.57 6.82 -43.95
CA VAL C 51 22.52 7.13 -44.92
C VAL C 51 21.16 7.29 -44.25
N ALA C 52 20.79 6.39 -43.35
CA ALA C 52 19.46 6.43 -42.79
C ALA C 52 19.47 5.88 -41.37
N SER C 53 18.51 6.36 -40.57
CA SER C 53 18.35 5.92 -39.19
C SER C 53 16.88 6.02 -38.80
N ILE C 54 16.44 5.11 -37.95
CA ILE C 54 15.05 5.08 -37.48
C ILE C 54 15.05 4.93 -35.97
N SER C 55 14.15 5.67 -35.32
CA SER C 55 13.90 5.54 -33.88
C SER C 55 12.45 5.17 -33.69
N SER C 56 12.20 3.91 -33.34
CA SER C 56 10.83 3.43 -33.18
C SER C 56 10.17 3.99 -31.92
N TYR C 57 10.97 4.31 -30.90
CA TYR C 57 10.41 4.90 -29.69
C TYR C 57 9.76 6.25 -29.96
N TYR C 58 10.42 7.09 -30.76
CA TYR C 58 9.92 8.40 -31.10
C TYR C 58 9.20 8.44 -32.45
N GLY C 59 9.32 7.39 -33.25
CA GLY C 59 8.70 7.38 -34.56
C GLY C 59 9.33 8.37 -35.52
N TYR C 60 10.64 8.51 -35.48
CA TYR C 60 11.36 9.47 -36.30
C TYR C 60 12.38 8.76 -37.18
N THR C 61 12.46 9.19 -38.43
CA THR C 61 13.41 8.64 -39.39
C THR C 61 14.25 9.78 -39.97
N TYR C 62 15.55 9.54 -40.08
CA TYR C 62 16.49 10.52 -40.60
C TYR C 62 17.20 9.94 -41.81
N TYR C 63 17.44 10.78 -42.81
CA TYR C 63 18.14 10.38 -44.02
C TYR C 63 19.27 11.36 -44.32
N ALA C 64 20.28 10.87 -45.03
CA ALA C 64 21.32 11.75 -45.53
C ALA C 64 20.79 12.60 -46.68
N ASP C 65 21.48 13.70 -46.95
CA ASP C 65 21.06 14.60 -48.01
C ASP C 65 21.17 13.94 -49.38
N SER C 66 22.07 12.96 -49.53
CA SER C 66 22.23 12.27 -50.80
C SER C 66 21.11 11.28 -51.08
N VAL C 67 20.40 10.82 -50.05
CA VAL C 67 19.37 9.81 -50.19
C VAL C 67 17.98 10.34 -49.83
N LYS C 68 17.86 11.61 -49.49
CA LYS C 68 16.55 12.17 -49.14
C LYS C 68 15.60 12.06 -50.33
N GLY C 69 14.40 11.59 -50.06
CA GLY C 69 13.41 11.36 -51.11
C GLY C 69 13.52 10.01 -51.78
N ARG C 70 14.74 9.64 -52.22
CA ARG C 70 14.93 8.37 -52.89
C ARG C 70 14.80 7.21 -51.92
N PHE C 71 15.44 7.30 -50.76
CA PHE C 71 15.50 6.21 -49.80
C PHE C 71 14.41 6.35 -48.76
N THR C 72 14.04 5.22 -48.16
CA THR C 72 13.05 5.18 -47.09
C THR C 72 13.41 4.07 -46.13
N ILE C 73 13.52 4.41 -44.84
CA ILE C 73 13.82 3.43 -43.80
C ILE C 73 12.54 3.15 -43.02
N SER C 74 12.31 1.86 -42.75
CA SER C 74 11.11 1.41 -42.06
C SER C 74 11.50 0.44 -40.96
N ALA C 75 10.54 0.09 -40.13
CA ALA C 75 10.73 -0.90 -39.09
C ALA C 75 9.47 -1.72 -38.93
N ASP C 76 9.64 -3.03 -38.78
CA ASP C 76 8.56 -3.95 -38.45
C ASP C 76 8.75 -4.33 -36.99
N THR C 77 8.14 -3.54 -36.10
CA THR C 77 8.38 -3.71 -34.67
C THR C 77 7.92 -5.08 -34.18
N SER C 78 6.90 -5.66 -34.82
CA SER C 78 6.45 -6.98 -34.44
C SER C 78 7.51 -8.04 -34.71
N LYS C 79 8.19 -7.94 -35.85
CA LYS C 79 9.21 -8.91 -36.23
C LYS C 79 10.63 -8.49 -35.85
N ASN C 80 10.79 -7.32 -35.23
CA ASN C 80 12.11 -6.82 -34.85
C ASN C 80 13.03 -6.72 -36.07
N THR C 81 12.51 -6.14 -37.15
CA THR C 81 13.22 -6.06 -38.41
C THR C 81 13.06 -4.66 -38.99
N ALA C 82 14.13 -4.15 -39.59
CA ALA C 82 14.13 -2.84 -40.23
C ALA C 82 14.39 -3.01 -41.73
N TYR C 83 13.81 -2.10 -42.51
CA TYR C 83 13.88 -2.17 -43.96
C TYR C 83 14.37 -0.84 -44.53
N LEU C 84 15.11 -0.92 -45.62
CA LEU C 84 15.61 0.24 -46.34
C LEU C 84 15.18 0.11 -47.79
N GLN C 85 14.24 0.95 -48.22
CA GLN C 85 13.73 0.91 -49.58
C GLN C 85 14.57 1.85 -50.44
N MET C 86 15.36 1.26 -51.35
CA MET C 86 16.35 2.00 -52.13
C MET C 86 15.77 2.28 -53.51
N ASN C 87 14.89 3.28 -53.57
CA ASN C 87 14.21 3.63 -54.81
C ASN C 87 15.00 4.67 -55.60
N SER C 88 14.81 4.65 -56.92
CA SER C 88 15.47 5.58 -57.84
C SER C 88 16.99 5.53 -57.68
N LEU C 89 17.53 4.31 -57.69
CA LEU C 89 18.95 4.11 -57.43
C LEU C 89 19.81 4.69 -58.53
N ARG C 90 21.04 5.07 -58.17
CA ARG C 90 21.99 5.68 -59.08
C ARG C 90 23.29 4.87 -59.05
N ALA C 91 24.16 5.14 -60.03
CA ALA C 91 25.42 4.41 -60.11
C ALA C 91 26.31 4.69 -58.91
N GLU C 92 26.27 5.92 -58.38
CA GLU C 92 27.09 6.28 -57.23
C GLU C 92 26.63 5.62 -55.94
N ASP C 93 25.47 4.97 -55.93
CA ASP C 93 24.94 4.34 -54.74
C ASP C 93 25.45 2.92 -54.54
N THR C 94 26.36 2.44 -55.37
CA THR C 94 26.95 1.13 -55.14
C THR C 94 27.87 1.18 -53.93
N ALA C 95 27.68 0.25 -53.01
CA ALA C 95 28.40 0.24 -51.73
C ALA C 95 28.04 -1.03 -50.98
N VAL C 96 28.72 -1.23 -49.86
CA VAL C 96 28.37 -2.25 -48.89
C VAL C 96 27.55 -1.58 -47.80
N TYR C 97 26.29 -1.98 -47.66
CA TYR C 97 25.37 -1.33 -46.75
C TYR C 97 25.35 -2.08 -45.43
N TYR C 98 25.64 -1.37 -44.34
CA TYR C 98 25.72 -1.96 -43.01
C TYR C 98 24.51 -1.52 -42.18
N CYS C 99 23.93 -2.45 -41.45
CA CYS C 99 22.89 -2.16 -40.49
C CYS C 99 23.51 -2.17 -39.10
N ALA C 100 23.34 -1.07 -38.37
CA ALA C 100 23.98 -0.90 -37.08
C ALA C 100 22.94 -0.55 -36.03
N ARG C 101 23.28 -0.81 -34.78
CA ARG C 101 22.41 -0.53 -33.64
C ARG C 101 23.06 0.51 -32.74
N SER C 102 22.22 1.35 -32.15
CA SER C 102 22.65 2.24 -31.08
C SER C 102 21.60 2.21 -29.98
N ARG C 103 22.05 2.44 -28.76
CA ARG C 103 21.13 2.53 -27.63
C ARG C 103 20.16 3.69 -27.84
N GLN C 104 18.91 3.46 -27.47
CA GLN C 104 17.94 4.55 -27.51
C GLN C 104 18.15 5.52 -26.35
N PHE C 105 18.51 4.99 -25.18
CA PHE C 105 18.76 5.78 -23.99
C PHE C 105 20.12 5.36 -23.42
N TRP C 106 21.19 5.95 -23.93
CA TRP C 106 21.22 6.92 -25.01
C TRP C 106 22.33 6.57 -25.99
N TYR C 107 22.34 7.24 -27.13
CA TYR C 107 23.30 6.95 -28.19
C TYR C 107 24.73 6.98 -27.65
N SER C 108 25.43 5.86 -27.81
CA SER C 108 26.80 5.72 -27.36
C SER C 108 27.63 5.01 -28.42
N GLY C 109 27.45 5.40 -29.68
CA GLY C 109 28.09 4.74 -30.79
C GLY C 109 27.30 3.58 -31.33
N LEU C 110 27.74 3.08 -32.49
CA LEU C 110 27.11 1.93 -33.13
C LEU C 110 27.81 0.68 -32.62
N ASP C 111 27.29 0.14 -31.52
CA ASP C 111 27.98 -0.96 -30.83
C ASP C 111 27.84 -2.27 -31.58
N TYR C 112 26.72 -2.51 -32.25
CA TYR C 112 26.46 -3.75 -32.96
C TYR C 112 26.25 -3.46 -34.44
N TRP C 113 26.92 -4.24 -35.29
CA TRP C 113 26.86 -4.09 -36.73
C TRP C 113 26.42 -5.40 -37.37
N GLY C 114 25.83 -5.29 -38.56
CA GLY C 114 25.58 -6.44 -39.38
C GLY C 114 26.79 -6.82 -40.20
N GLN C 115 26.69 -7.95 -40.91
CA GLN C 115 27.81 -8.41 -41.72
C GLN C 115 28.00 -7.59 -42.97
N GLY C 116 26.95 -6.94 -43.47
CA GLY C 116 27.06 -6.12 -44.66
C GLY C 116 26.62 -6.83 -45.91
N THR C 117 25.82 -6.16 -46.74
CA THR C 117 25.37 -6.68 -48.02
C THR C 117 25.75 -5.70 -49.12
N LEU C 118 26.37 -6.21 -50.18
CA LEU C 118 26.77 -5.37 -51.30
C LEU C 118 25.57 -5.06 -52.18
N VAL C 119 25.41 -3.79 -52.52
CA VAL C 119 24.40 -3.34 -53.48
C VAL C 119 25.16 -2.78 -54.67
N THR C 120 25.12 -3.49 -55.79
CA THR C 120 25.87 -3.12 -56.97
C THR C 120 24.94 -2.45 -57.97
N VAL C 121 25.30 -1.24 -58.39
CA VAL C 121 24.48 -0.45 -59.29
C VAL C 121 25.27 0.70 -59.89
N ASP D 2 26.71 20.91 -42.39
CA ASP D 2 27.11 19.70 -41.69
C ASP D 2 28.37 19.93 -40.87
N ILE D 3 28.92 18.85 -40.31
CA ILE D 3 30.15 18.90 -39.54
C ILE D 3 31.14 17.93 -40.16
N GLN D 4 32.37 18.40 -40.39
CA GLN D 4 33.41 17.60 -41.00
C GLN D 4 34.37 17.12 -39.92
N MET D 5 34.68 15.83 -39.94
CA MET D 5 35.63 15.23 -39.01
C MET D 5 36.92 14.97 -39.79
N THR D 6 37.82 15.95 -39.76
CA THR D 6 39.08 15.87 -40.49
C THR D 6 40.02 14.97 -39.72
N GLN D 7 40.18 13.73 -40.18
CA GLN D 7 40.98 12.74 -39.50
C GLN D 7 42.39 12.71 -40.10
N SER D 8 43.40 12.73 -39.24
CA SER D 8 44.79 12.67 -39.66
C SER D 8 45.54 11.73 -38.75
N PRO D 9 46.55 11.01 -39.27
CA PRO D 9 46.99 10.98 -40.67
C PRO D 9 46.09 10.08 -41.53
N SER D 10 46.24 10.14 -42.85
CA SER D 10 45.47 9.23 -43.70
C SER D 10 45.91 7.78 -43.50
N SER D 11 47.17 7.56 -43.12
CA SER D 11 47.71 6.23 -42.85
C SER D 11 49.06 6.39 -42.18
N LEU D 12 49.35 5.50 -41.24
CA LEU D 12 50.65 5.48 -40.59
C LEU D 12 51.12 4.03 -40.44
N SER D 13 52.43 3.86 -40.34
CA SER D 13 53.05 2.55 -40.15
C SER D 13 53.77 2.51 -38.82
N ALA D 14 53.67 1.39 -38.13
CA ALA D 14 54.31 1.24 -36.82
C ALA D 14 54.62 -0.23 -36.58
N SER D 15 55.53 -0.47 -35.65
CA SER D 15 55.98 -1.82 -35.33
C SER D 15 55.16 -2.39 -34.18
N VAL D 16 55.56 -3.56 -33.68
CA VAL D 16 54.84 -4.19 -32.58
C VAL D 16 55.30 -3.58 -31.27
N GLY D 17 54.35 -3.13 -30.46
CA GLY D 17 54.64 -2.42 -29.23
C GLY D 17 54.78 -0.92 -29.39
N ASP D 18 54.76 -0.41 -30.61
CA ASP D 18 54.88 1.02 -30.85
C ASP D 18 53.61 1.74 -30.40
N ARG D 19 53.77 3.00 -30.04
CA ARG D 19 52.65 3.85 -29.65
C ARG D 19 52.10 4.55 -30.90
N VAL D 20 50.79 4.42 -31.11
CA VAL D 20 50.11 4.99 -32.27
C VAL D 20 49.08 5.99 -31.76
N THR D 21 49.13 7.21 -32.30
CA THR D 21 48.18 8.26 -31.96
C THR D 21 47.48 8.71 -33.23
N ILE D 22 46.16 8.59 -33.23
CA ILE D 22 45.32 8.98 -34.36
C ILE D 22 44.47 10.16 -33.93
N THR D 23 44.53 11.25 -34.69
CA THR D 23 43.92 12.51 -34.30
C THR D 23 42.70 12.81 -35.16
N CYS D 24 41.64 13.29 -34.51
CA CYS D 24 40.41 13.69 -35.17
C CYS D 24 40.11 15.14 -34.84
N ARG D 25 39.71 15.90 -35.85
CA ARG D 25 39.38 17.31 -35.69
C ARG D 25 37.95 17.55 -36.17
N ALA D 26 37.14 18.17 -35.32
CA ALA D 26 35.77 18.52 -35.68
C ALA D 26 35.72 19.97 -36.15
N SER D 27 35.02 20.22 -37.26
CA SER D 27 34.91 21.58 -37.76
C SER D 27 34.18 22.48 -36.77
N GLN D 28 33.09 21.99 -36.19
CA GLN D 28 32.35 22.69 -35.15
C GLN D 28 32.61 22.02 -33.80
N SER D 29 31.92 22.50 -32.77
CA SER D 29 32.03 21.92 -31.44
C SER D 29 30.99 20.82 -31.31
N VAL D 30 31.45 19.57 -31.29
CA VAL D 30 30.55 18.42 -31.18
C VAL D 30 30.51 17.88 -29.76
N SER D 31 31.02 18.64 -28.79
CA SER D 31 31.10 18.22 -27.38
C SER D 31 31.92 16.93 -27.34
N SER D 32 31.63 16.06 -26.37
CA SER D 32 32.31 14.78 -26.25
C SER D 32 31.65 13.69 -27.09
N ALA D 33 30.60 14.02 -27.84
CA ALA D 33 29.87 13.01 -28.61
C ALA D 33 30.69 12.57 -29.82
N VAL D 34 31.76 11.82 -29.57
CA VAL D 34 32.62 11.30 -30.62
C VAL D 34 32.92 9.84 -30.33
N ALA D 35 32.79 8.99 -31.34
CA ALA D 35 33.05 7.56 -31.22
C ALA D 35 34.18 7.17 -32.17
N TRP D 36 34.85 6.07 -31.83
CA TRP D 36 35.93 5.54 -32.64
C TRP D 36 35.63 4.10 -33.00
N TYR D 37 35.91 3.73 -34.26
CA TYR D 37 35.63 2.40 -34.77
C TYR D 37 36.86 1.79 -35.39
N GLN D 38 36.93 0.46 -35.33
CA GLN D 38 37.95 -0.32 -36.01
C GLN D 38 37.28 -1.20 -37.05
N GLN D 39 37.75 -1.10 -38.30
CA GLN D 39 37.21 -1.92 -39.38
C GLN D 39 38.35 -2.62 -40.10
N LYS D 40 38.50 -3.91 -39.85
CA LYS D 40 39.44 -4.70 -40.61
C LYS D 40 38.89 -4.93 -42.02
N PRO D 41 39.77 -5.10 -43.01
CA PRO D 41 39.30 -5.24 -44.39
C PRO D 41 38.35 -6.43 -44.55
N GLY D 42 37.21 -6.17 -45.20
CA GLY D 42 36.24 -7.21 -45.48
C GLY D 42 35.28 -7.53 -44.37
N LYS D 43 35.36 -6.83 -43.23
CA LYS D 43 34.47 -7.07 -42.11
C LYS D 43 33.75 -5.80 -41.71
N ALA D 44 32.84 -5.91 -40.75
CA ALA D 44 32.09 -4.79 -40.24
C ALA D 44 32.93 -3.96 -39.27
N PRO D 45 32.65 -2.67 -39.14
CA PRO D 45 33.34 -1.86 -38.15
C PRO D 45 33.04 -2.33 -36.74
N LYS D 46 33.98 -2.07 -35.83
CA LYS D 46 33.86 -2.46 -34.43
C LYS D 46 34.03 -1.24 -33.54
N LEU D 47 33.06 -1.00 -32.68
CA LEU D 47 33.11 0.15 -31.78
C LEU D 47 34.26 0.00 -30.80
N LEU D 48 35.05 1.06 -30.66
CA LEU D 48 36.18 1.08 -29.74
C LEU D 48 35.96 2.06 -28.58
N ILE D 49 35.68 3.32 -28.90
CA ILE D 49 35.52 4.38 -27.91
C ILE D 49 34.18 5.06 -28.16
N TYR D 50 33.56 5.51 -27.08
CA TYR D 50 32.38 6.37 -27.17
C TYR D 50 32.52 7.47 -26.13
N SER D 51 31.81 8.57 -26.37
CA SER D 51 31.95 9.79 -25.57
C SER D 51 33.37 10.33 -25.59
N ALA D 52 34.16 9.91 -26.58
CA ALA D 52 35.50 10.41 -26.89
C ALA D 52 36.54 9.96 -25.88
N SER D 53 36.11 9.34 -24.77
CA SER D 53 37.07 8.86 -23.78
C SER D 53 36.71 7.53 -23.14
N SER D 54 35.48 7.05 -23.26
CA SER D 54 35.04 5.87 -22.54
C SER D 54 35.24 4.63 -23.40
N LEU D 55 36.01 3.67 -22.89
CA LEU D 55 36.29 2.45 -23.62
C LEU D 55 35.05 1.55 -23.65
N TYR D 56 34.70 1.08 -24.84
CA TYR D 56 33.57 0.17 -24.97
C TYR D 56 33.88 -1.16 -24.30
N SER D 57 32.84 -1.79 -23.76
CA SER D 57 33.01 -3.04 -23.03
C SER D 57 33.58 -4.13 -23.94
N GLY D 58 34.62 -4.80 -23.47
CA GLY D 58 35.28 -5.84 -24.22
C GLY D 58 36.48 -5.39 -25.02
N VAL D 59 36.60 -4.09 -25.29
CA VAL D 59 37.74 -3.57 -26.05
C VAL D 59 38.98 -3.62 -25.17
N PRO D 60 40.16 -4.00 -25.70
CA PRO D 60 41.36 -4.04 -24.88
C PRO D 60 41.72 -2.65 -24.34
N SER D 61 42.33 -2.64 -23.15
CA SER D 61 42.63 -1.40 -22.46
C SER D 61 43.65 -0.54 -23.20
N ARG D 62 44.41 -1.11 -24.13
CA ARG D 62 45.42 -0.35 -24.86
C ARG D 62 44.82 0.74 -25.73
N PHE D 63 43.52 0.71 -25.98
CA PHE D 63 42.85 1.76 -26.74
C PHE D 63 42.36 2.83 -25.79
N SER D 64 42.76 4.08 -26.06
CA SER D 64 42.38 5.20 -25.21
C SER D 64 41.97 6.38 -26.07
N GLY D 65 40.95 7.10 -25.62
CA GLY D 65 40.47 8.27 -26.32
C GLY D 65 40.63 9.52 -25.48
N SER D 66 40.92 10.63 -26.14
CA SER D 66 41.11 11.91 -25.47
C SER D 66 40.45 13.01 -26.29
N ARG D 67 40.11 14.10 -25.61
CA ARG D 67 39.53 15.27 -26.26
C ARG D 67 40.24 16.53 -25.78
N SER D 68 40.47 17.47 -26.70
CA SER D 68 40.98 18.80 -26.37
C SER D 68 40.18 19.79 -27.22
N GLY D 69 39.07 20.28 -26.66
CA GLY D 69 38.21 21.17 -27.40
C GLY D 69 37.50 20.49 -28.55
N THR D 70 37.91 20.81 -29.78
CA THR D 70 37.40 20.15 -30.98
C THR D 70 38.39 19.15 -31.56
N ASP D 71 39.41 18.78 -30.79
CA ASP D 71 40.43 17.82 -31.24
C ASP D 71 40.29 16.54 -30.44
N PHE D 72 40.07 15.43 -31.13
CA PHE D 72 39.90 14.13 -30.51
C PHE D 72 41.02 13.22 -30.98
N THR D 73 41.54 12.41 -30.07
CA THR D 73 42.70 11.57 -30.34
C THR D 73 42.44 10.15 -29.87
N LEU D 74 42.76 9.18 -30.72
CA LEU D 74 42.74 7.76 -30.37
C LEU D 74 44.17 7.29 -30.24
N THR D 75 44.52 6.77 -29.07
CA THR D 75 45.89 6.36 -28.77
C THR D 75 45.92 4.86 -28.51
N ILE D 76 46.86 4.16 -29.13
CA ILE D 76 47.10 2.75 -28.89
C ILE D 76 48.44 2.65 -28.18
N SER D 77 48.42 2.24 -26.91
CA SER D 77 49.65 2.22 -26.12
C SER D 77 50.63 1.18 -26.64
N SER D 78 50.17 -0.05 -26.85
CA SER D 78 50.97 -1.11 -27.44
C SER D 78 50.27 -1.61 -28.69
N LEU D 79 51.06 -1.85 -29.74
CA LEU D 79 50.51 -2.23 -31.04
C LEU D 79 50.73 -3.72 -31.25
N GLN D 80 49.78 -4.52 -30.79
CA GLN D 80 49.80 -5.94 -31.08
C GLN D 80 49.45 -6.20 -32.54
N PRO D 81 49.83 -7.35 -33.10
CA PRO D 81 49.57 -7.60 -34.53
C PRO D 81 48.11 -7.57 -34.90
N GLU D 82 47.19 -7.76 -33.96
CA GLU D 82 45.77 -7.72 -34.24
C GLU D 82 45.20 -6.32 -34.29
N ASP D 83 46.04 -5.29 -34.19
CA ASP D 83 45.59 -3.90 -34.15
C ASP D 83 45.83 -3.18 -35.48
N PHE D 84 46.05 -3.91 -36.57
CA PHE D 84 46.32 -3.32 -37.88
C PHE D 84 45.01 -3.29 -38.65
N ALA D 85 44.36 -2.12 -38.66
CA ALA D 85 43.09 -1.96 -39.35
C ALA D 85 42.90 -0.47 -39.65
N THR D 86 41.79 -0.17 -40.33
CA THR D 86 41.42 1.22 -40.60
C THR D 86 40.53 1.71 -39.46
N TYR D 87 40.94 2.79 -38.83
CA TYR D 87 40.26 3.32 -37.65
C TYR D 87 39.46 4.55 -38.03
N TYR D 88 38.18 4.55 -37.69
CA TYR D 88 37.25 5.60 -38.10
C TYR D 88 36.80 6.42 -36.91
N CYS D 89 36.52 7.69 -37.17
CA CYS D 89 36.13 8.67 -36.16
C CYS D 89 34.75 9.20 -36.50
N GLN D 90 33.79 8.95 -35.61
CA GLN D 90 32.41 9.40 -35.81
C GLN D 90 32.05 10.43 -34.75
N GLN D 91 31.41 11.51 -35.17
CA GLN D 91 30.69 12.39 -34.27
C GLN D 91 29.20 12.10 -34.38
N TYR D 92 28.53 12.04 -33.23
CA TYR D 92 27.09 11.82 -33.21
C TYR D 92 26.39 12.91 -32.41
N LYS D 93 26.92 14.11 -32.46
CA LYS D 93 26.34 15.25 -31.76
C LYS D 93 25.21 15.89 -32.56
N TYR D 94 25.32 15.91 -33.87
CA TYR D 94 24.33 16.53 -34.74
C TYR D 94 24.00 15.61 -35.91
N VAL D 95 22.71 15.50 -36.22
CA VAL D 95 22.30 14.86 -37.48
C VAL D 95 22.62 15.79 -38.64
N PRO D 96 23.25 15.30 -39.72
CA PRO D 96 23.63 13.92 -40.00
C PRO D 96 24.89 13.47 -39.29
N VAL D 97 24.96 12.18 -38.95
CA VAL D 97 26.17 11.61 -38.38
C VAL D 97 27.26 11.58 -39.45
N THR D 98 28.43 12.10 -39.11
CA THR D 98 29.55 12.15 -40.03
C THR D 98 30.73 11.36 -39.46
N PHE D 99 31.38 10.60 -40.33
CA PHE D 99 32.52 9.79 -39.96
C PHE D 99 33.82 10.43 -40.44
N GLY D 100 34.93 9.94 -39.90
CA GLY D 100 36.22 10.30 -40.42
C GLY D 100 36.54 9.54 -41.68
N GLN D 101 37.64 9.92 -42.31
CA GLN D 101 38.08 9.26 -43.54
C GLN D 101 38.84 7.98 -43.29
N GLY D 102 39.06 7.62 -42.04
CA GLY D 102 39.76 6.41 -41.70
C GLY D 102 41.27 6.60 -41.69
N THR D 103 41.95 5.72 -40.95
CA THR D 103 43.40 5.75 -40.83
C THR D 103 43.90 4.31 -40.87
N LYS D 104 44.42 3.90 -42.01
CA LYS D 104 44.96 2.55 -42.14
C LYS D 104 46.26 2.43 -41.36
N VAL D 105 46.37 1.39 -40.56
CA VAL D 105 47.56 1.13 -39.74
C VAL D 105 48.17 -0.17 -40.23
N GLU D 106 49.46 -0.13 -40.61
CA GLU D 106 50.13 -1.30 -41.14
C GLU D 106 51.42 -1.59 -40.39
N ILE D 107 52.22 -2.52 -40.89
CA ILE D 107 53.47 -2.90 -40.25
C ILE D 107 54.47 -1.77 -40.35
N THR E 6 -11.37 -28.64 28.56
CA THR E 6 -12.04 -29.25 29.71
C THR E 6 -13.56 -29.25 29.52
N ARG E 7 -14.02 -28.67 28.41
CA ARG E 7 -15.45 -28.60 28.14
C ARG E 7 -15.65 -28.36 26.65
N VAL E 8 -16.65 -29.04 26.08
CA VAL E 8 -16.94 -28.96 24.65
C VAL E 8 -18.42 -28.65 24.47
N PHE E 9 -18.73 -28.09 23.30
CA PHE E 9 -20.11 -27.78 22.97
C PHE E 9 -20.83 -29.01 22.45
N LYS E 10 -22.11 -29.13 22.79
CA LYS E 10 -22.90 -30.30 22.45
C LYS E 10 -24.27 -29.86 21.97
N LYS E 11 -24.61 -30.21 20.73
CA LYS E 11 -25.93 -29.96 20.19
C LYS E 11 -26.48 -31.25 19.61
N ALA E 12 -27.77 -31.49 19.81
CA ALA E 12 -28.41 -32.74 19.44
C ALA E 12 -29.44 -32.52 18.33
N SER E 13 -29.74 -33.61 17.63
CA SER E 13 -30.75 -33.57 16.59
C SER E 13 -32.14 -33.45 17.21
N PRO E 14 -33.11 -32.91 16.47
CA PRO E 14 -34.47 -32.84 17.02
C PRO E 14 -35.03 -34.19 17.45
N ASN E 15 -34.70 -35.27 16.73
CA ASN E 15 -35.13 -36.59 17.14
C ASN E 15 -34.22 -37.21 18.20
N GLY E 16 -33.05 -36.63 18.44
CA GLY E 16 -32.13 -37.13 19.45
C GLY E 16 -31.20 -38.23 19.00
N LYS E 17 -31.24 -38.61 17.72
CA LYS E 17 -30.41 -39.69 17.22
C LYS E 17 -29.09 -39.20 16.62
N LEU E 18 -28.85 -37.89 16.61
CA LEU E 18 -27.59 -37.35 16.13
C LEU E 18 -27.13 -36.25 17.08
N THR E 19 -25.87 -36.29 17.47
CA THR E 19 -25.30 -35.30 18.38
C THR E 19 -23.94 -34.86 17.84
N VAL E 20 -23.72 -33.55 17.83
CA VAL E 20 -22.48 -32.96 17.34
C VAL E 20 -21.72 -32.40 18.53
N TYR E 21 -20.43 -32.74 18.62
CA TYR E 21 -19.55 -32.26 19.68
C TYR E 21 -18.49 -31.36 19.06
N LEU E 22 -18.54 -30.07 19.38
CA LEU E 22 -17.57 -29.10 18.90
C LEU E 22 -16.79 -28.55 20.09
N GLY E 23 -15.46 -28.50 19.97
CA GLY E 23 -14.66 -27.94 21.02
C GLY E 23 -14.69 -26.44 21.10
N LYS E 24 -15.04 -25.77 20.00
CA LYS E 24 -15.04 -24.32 19.94
C LYS E 24 -16.17 -23.85 19.03
N ARG E 25 -16.53 -22.58 19.17
CA ARG E 25 -17.39 -21.90 18.22
C ARG E 25 -16.66 -20.80 17.46
N ASP E 26 -15.48 -20.39 17.92
CA ASP E 26 -14.67 -19.39 17.26
C ASP E 26 -13.32 -20.01 16.90
N PHE E 27 -12.94 -19.91 15.63
CA PHE E 27 -11.69 -20.47 15.13
C PHE E 27 -10.84 -19.33 14.60
N VAL E 28 -9.62 -19.21 15.12
CA VAL E 28 -8.79 -18.04 14.88
C VAL E 28 -8.06 -18.21 13.55
N ASP E 29 -8.15 -17.19 12.70
CA ASP E 29 -7.38 -17.13 11.47
C ASP E 29 -6.06 -16.40 11.76
N HIS E 30 -4.95 -17.05 11.43
CA HIS E 30 -3.62 -16.47 11.61
C HIS E 30 -3.02 -16.04 10.28
N ILE E 31 -3.87 -15.70 9.31
CA ILE E 31 -3.49 -15.28 7.96
C ILE E 31 -2.90 -16.46 7.19
N ASP E 32 -1.82 -17.05 7.73
CA ASP E 32 -1.19 -18.16 7.02
C ASP E 32 -2.01 -19.45 7.12
N LEU E 33 -2.59 -19.72 8.28
CA LEU E 33 -3.48 -20.87 8.42
C LEU E 33 -4.61 -20.53 9.38
N VAL E 34 -5.66 -21.33 9.32
CA VAL E 34 -6.84 -21.17 10.17
C VAL E 34 -6.90 -22.35 11.13
N ASP E 35 -7.50 -22.13 12.29
CA ASP E 35 -7.67 -23.19 13.27
C ASP E 35 -8.48 -24.33 12.67
N PRO E 36 -8.05 -25.58 12.81
CA PRO E 36 -8.81 -26.70 12.25
C PRO E 36 -10.12 -26.89 12.99
N VAL E 37 -11.18 -27.14 12.24
CA VAL E 37 -12.50 -27.42 12.80
C VAL E 37 -12.61 -28.93 12.99
N ASP E 38 -12.34 -29.38 14.21
CA ASP E 38 -12.46 -30.79 14.56
C ASP E 38 -13.68 -31.01 15.44
N GLY E 39 -14.06 -32.27 15.57
CA GLY E 39 -15.20 -32.60 16.41
C GLY E 39 -15.46 -34.08 16.40
N VAL E 40 -16.52 -34.46 17.11
CA VAL E 40 -16.94 -35.85 17.25
C VAL E 40 -18.44 -35.90 17.06
N VAL E 41 -18.90 -36.90 16.31
CA VAL E 41 -20.32 -37.09 16.03
C VAL E 41 -20.75 -38.40 16.67
N LEU E 42 -21.76 -38.35 17.54
CA LEU E 42 -22.31 -39.54 18.17
C LEU E 42 -23.45 -40.06 17.32
N VAL E 43 -23.31 -41.27 16.80
CA VAL E 43 -24.28 -41.84 15.88
C VAL E 43 -25.04 -42.95 16.60
N ASP E 44 -26.17 -43.35 15.99
CA ASP E 44 -27.00 -44.44 16.48
C ASP E 44 -27.23 -45.41 15.34
N PRO E 45 -26.31 -46.35 15.13
CA PRO E 45 -26.44 -47.26 13.98
C PRO E 45 -27.72 -48.09 13.99
N GLU E 46 -28.29 -48.36 15.16
CA GLU E 46 -29.57 -49.06 15.20
C GLU E 46 -30.66 -48.24 14.52
N TYR E 47 -30.75 -46.95 14.86
CA TYR E 47 -31.62 -46.05 14.13
C TYR E 47 -31.12 -45.84 12.71
N LEU E 48 -29.81 -45.70 12.54
CA LEU E 48 -29.19 -45.44 11.25
C LEU E 48 -29.03 -46.76 10.49
N LYS E 49 -30.16 -47.23 9.96
CA LYS E 49 -30.22 -48.57 9.37
C LYS E 49 -29.21 -48.74 8.25
N GLU E 50 -29.36 -47.97 7.18
CA GLU E 50 -28.45 -48.04 6.05
C GLU E 50 -27.82 -46.71 5.69
N ARG E 51 -28.26 -45.61 6.30
CA ARG E 51 -27.80 -44.29 5.92
C ARG E 51 -26.37 -44.05 6.38
N ARG E 52 -25.84 -42.87 6.04
CA ARG E 52 -24.51 -42.46 6.45
C ARG E 52 -24.61 -41.10 7.12
N VAL E 53 -23.63 -40.80 7.98
CA VAL E 53 -23.56 -39.54 8.69
C VAL E 53 -22.49 -38.69 8.01
N TYR E 54 -22.90 -37.59 7.41
CA TYR E 54 -21.99 -36.63 6.80
C TYR E 54 -21.96 -35.35 7.63
N VAL E 55 -20.81 -34.70 7.67
CA VAL E 55 -20.62 -33.42 8.34
C VAL E 55 -20.15 -32.42 7.29
N THR E 56 -20.78 -31.25 7.25
CA THR E 56 -20.52 -30.25 6.24
C THR E 56 -20.11 -28.94 6.89
N LEU E 57 -19.07 -28.31 6.34
CA LEU E 57 -18.65 -26.96 6.72
C LEU E 57 -18.91 -26.04 5.53
N THR E 58 -19.73 -25.02 5.76
CA THR E 58 -20.15 -24.12 4.69
C THR E 58 -19.92 -22.68 5.10
N CYS E 59 -19.28 -21.92 4.22
CA CYS E 59 -19.15 -20.47 4.37
C CYS E 59 -20.05 -19.82 3.31
N ALA E 60 -20.99 -19.01 3.75
CA ALA E 60 -22.02 -18.48 2.87
C ALA E 60 -22.16 -16.98 3.06
N PHE E 61 -22.53 -16.29 1.98
CA PHE E 61 -22.86 -14.87 1.99
C PHE E 61 -24.37 -14.77 1.87
N ARG E 62 -25.03 -14.40 2.96
CA ARG E 62 -26.47 -14.61 3.10
C ARG E 62 -27.25 -13.39 2.61
N TYR E 63 -28.55 -13.36 2.93
CA TYR E 63 -29.52 -12.50 2.28
C TYR E 63 -29.10 -11.04 2.31
N GLY E 64 -29.18 -10.39 1.15
CA GLY E 64 -28.77 -9.01 1.01
C GLY E 64 -27.62 -8.87 0.03
N LEU E 73 -33.59 -10.52 -3.93
CA LEU E 73 -33.72 -10.09 -2.53
C LEU E 73 -32.81 -10.92 -1.62
N THR E 74 -32.97 -12.24 -1.67
CA THR E 74 -32.19 -13.16 -0.85
C THR E 74 -31.09 -13.75 -1.74
N PHE E 75 -29.94 -13.07 -1.75
CA PHE E 75 -28.80 -13.48 -2.58
C PHE E 75 -27.84 -14.30 -1.71
N ARG E 76 -28.23 -15.55 -1.46
CA ARG E 76 -27.40 -16.46 -0.69
C ARG E 76 -26.50 -17.26 -1.62
N LYS E 77 -25.19 -17.15 -1.41
CA LYS E 77 -24.20 -17.89 -2.18
C LYS E 77 -23.23 -18.55 -1.22
N ASP E 78 -22.71 -19.70 -1.62
CA ASP E 78 -21.74 -20.45 -0.82
C ASP E 78 -20.34 -20.14 -1.31
N LEU E 79 -19.50 -19.64 -0.40
CA LEU E 79 -18.13 -19.29 -0.75
C LEU E 79 -17.15 -20.44 -0.53
N PHE E 80 -17.47 -21.38 0.35
CA PHE E 80 -16.59 -22.52 0.61
C PHE E 80 -17.41 -23.62 1.26
N VAL E 81 -17.41 -24.81 0.65
CA VAL E 81 -18.13 -25.96 1.16
C VAL E 81 -17.15 -27.11 1.31
N ALA E 82 -17.10 -27.69 2.51
CA ALA E 82 -16.31 -28.88 2.78
C ALA E 82 -17.22 -29.94 3.37
N ASN E 83 -17.07 -31.18 2.90
CA ASN E 83 -17.97 -32.25 3.26
C ASN E 83 -17.16 -33.49 3.64
N VAL E 84 -17.51 -34.11 4.77
CA VAL E 84 -16.79 -35.25 5.31
C VAL E 84 -17.79 -36.31 5.74
N GLN E 85 -17.50 -37.56 5.41
CA GLN E 85 -18.31 -38.69 5.85
C GLN E 85 -17.74 -39.23 7.16
N SER E 86 -18.51 -39.13 8.24
CA SER E 86 -18.05 -39.57 9.54
C SER E 86 -18.48 -41.00 9.86
N PHE E 87 -19.67 -41.40 9.44
CA PHE E 87 -20.13 -42.77 9.62
C PHE E 87 -20.71 -43.27 8.29
N PRO E 88 -20.24 -44.41 7.79
CA PRO E 88 -19.13 -45.23 8.30
C PRO E 88 -17.79 -44.52 8.07
N PRO E 89 -16.76 -44.84 8.86
CA PRO E 89 -15.47 -44.16 8.70
C PRO E 89 -14.92 -44.29 7.29
N ALA E 90 -14.85 -43.17 6.58
CA ALA E 90 -14.38 -43.17 5.20
C ALA E 90 -12.86 -43.14 5.16
N PRO E 91 -12.22 -44.08 4.44
CA PRO E 91 -10.75 -44.05 4.36
C PRO E 91 -10.20 -42.79 3.73
N GLU E 92 -10.99 -42.11 2.90
CA GLU E 92 -10.53 -40.86 2.30
C GLU E 92 -10.33 -39.79 3.36
N ASP E 93 -11.25 -39.68 4.32
CA ASP E 93 -11.15 -38.70 5.39
C ASP E 93 -10.43 -39.27 6.61
N LYS E 94 -9.24 -39.80 6.38
CA LYS E 94 -8.41 -40.38 7.45
C LYS E 94 -7.38 -39.36 7.87
N LYS E 95 -7.61 -38.73 9.02
CA LYS E 95 -6.70 -37.75 9.59
C LYS E 95 -6.39 -38.11 11.03
N PRO E 96 -5.18 -37.78 11.51
CA PRO E 96 -4.84 -38.06 12.90
C PRO E 96 -5.78 -37.33 13.86
N LEU E 97 -6.09 -37.99 14.96
CA LEU E 97 -7.04 -37.46 15.93
C LEU E 97 -6.38 -36.45 16.85
N THR E 98 -7.07 -35.33 17.07
CA THR E 98 -6.63 -34.38 18.07
C THR E 98 -6.90 -34.94 19.48
N ARG E 99 -6.25 -34.34 20.47
CA ARG E 99 -6.44 -34.79 21.85
C ARG E 99 -7.90 -34.61 22.28
N LEU E 100 -8.53 -33.53 21.82
CA LEU E 100 -9.93 -33.29 22.16
C LEU E 100 -10.82 -34.39 21.58
N GLN E 101 -10.58 -34.78 20.33
CA GLN E 101 -11.39 -35.84 19.73
C GLN E 101 -11.15 -37.18 20.42
N GLU E 102 -9.90 -37.47 20.81
CA GLU E 102 -9.61 -38.70 21.52
C GLU E 102 -10.32 -38.75 22.86
N ARG E 103 -10.28 -37.64 23.61
CA ARG E 103 -10.98 -37.59 24.89
C ARG E 103 -12.48 -37.73 24.70
N LEU E 104 -13.03 -37.07 23.67
CA LEU E 104 -14.47 -37.15 23.43
C LEU E 104 -14.90 -38.56 23.05
N ILE E 105 -14.12 -39.24 22.21
CA ILE E 105 -14.44 -40.61 21.83
C ILE E 105 -14.34 -41.53 23.04
N LYS E 106 -13.31 -41.34 23.88
CA LYS E 106 -13.21 -42.14 25.09
C LYS E 106 -14.41 -41.94 26.00
N LYS E 107 -14.87 -40.69 26.13
CA LYS E 107 -16.05 -40.42 26.94
C LYS E 107 -17.30 -41.08 26.35
N LEU E 108 -17.48 -40.97 25.04
CA LEU E 108 -18.75 -41.35 24.44
C LEU E 108 -18.86 -42.86 24.24
N GLY E 109 -17.88 -43.47 23.56
CA GLY E 109 -17.92 -44.90 23.36
C GLY E 109 -17.52 -45.33 21.95
N GLU E 110 -18.03 -46.49 21.53
CA GLU E 110 -17.70 -47.02 20.21
C GLU E 110 -18.42 -46.27 19.10
N HIS E 111 -19.60 -45.70 19.39
CA HIS E 111 -20.42 -45.03 18.38
C HIS E 111 -20.11 -43.54 18.26
N ALA E 112 -18.90 -43.13 18.61
CA ALA E 112 -18.45 -41.74 18.45
C ALA E 112 -17.40 -41.72 17.35
N TYR E 113 -17.62 -40.88 16.35
CA TYR E 113 -16.75 -40.85 15.19
C TYR E 113 -16.31 -39.42 14.90
N PRO E 114 -15.03 -39.22 14.60
CA PRO E 114 -14.51 -37.86 14.44
C PRO E 114 -14.69 -37.30 13.05
N PHE E 115 -14.72 -35.97 12.99
CA PHE E 115 -14.64 -35.23 11.74
C PHE E 115 -13.63 -34.10 11.91
N THR E 116 -13.00 -33.70 10.82
CA THR E 116 -12.02 -32.63 10.85
C THR E 116 -12.09 -31.84 9.56
N PHE E 117 -12.13 -30.52 9.68
CA PHE E 117 -12.14 -29.63 8.54
C PHE E 117 -10.91 -28.73 8.58
N GLU E 118 -10.42 -28.37 7.39
CA GLU E 118 -9.32 -27.43 7.25
C GLU E 118 -9.84 -26.24 6.45
N ILE E 119 -9.97 -25.09 7.10
CA ILE E 119 -10.46 -23.89 6.43
C ILE E 119 -9.30 -23.29 5.65
N PRO E 120 -9.39 -23.20 4.32
CA PRO E 120 -8.28 -22.64 3.55
C PRO E 120 -8.15 -21.16 3.81
N PRO E 121 -6.95 -20.59 3.63
CA PRO E 121 -6.81 -19.14 3.79
C PRO E 121 -7.52 -18.36 2.69
N ASN E 122 -7.42 -17.03 2.74
CA ASN E 122 -8.07 -16.15 1.77
C ASN E 122 -9.58 -16.33 1.77
N LEU E 123 -10.15 -16.64 2.94
CA LEU E 123 -11.58 -16.74 3.12
C LEU E 123 -12.07 -15.64 4.08
N PRO E 124 -13.31 -15.19 3.95
CA PRO E 124 -13.78 -14.09 4.80
C PRO E 124 -13.93 -14.53 6.24
N CYS E 125 -13.82 -13.55 7.14
CA CYS E 125 -14.16 -13.74 8.53
C CYS E 125 -15.65 -13.48 8.73
N SER E 126 -16.18 -13.96 9.87
CA SER E 126 -17.59 -13.77 10.17
C SER E 126 -17.87 -12.29 10.39
N VAL E 127 -18.54 -11.67 9.43
CA VAL E 127 -18.88 -10.25 9.47
C VAL E 127 -20.36 -10.09 9.18
N THR E 128 -21.06 -9.40 10.05
CA THR E 128 -22.48 -9.13 9.88
C THR E 128 -22.67 -7.66 9.55
N LEU E 129 -23.44 -7.37 8.50
CA LEU E 129 -23.79 -6.01 8.15
C LEU E 129 -25.05 -5.61 8.90
N GLN E 130 -25.01 -4.43 9.51
CA GLN E 130 -26.12 -3.98 10.34
C GLN E 130 -27.34 -3.71 9.48
N PRO E 131 -28.48 -4.33 9.78
CA PRO E 131 -29.68 -4.10 8.97
C PRO E 131 -30.24 -2.71 9.18
N GLY E 132 -30.92 -2.21 8.15
CA GLY E 132 -31.53 -0.91 8.22
C GLY E 132 -32.82 -0.92 9.01
N PRO E 133 -33.37 0.27 9.24
CA PRO E 133 -34.65 0.35 9.96
C PRO E 133 -35.78 -0.35 9.25
N GLU E 134 -35.78 -0.37 7.92
CA GLU E 134 -36.85 -0.97 7.14
C GLU E 134 -36.61 -2.43 6.78
N ASP E 135 -35.50 -3.01 7.25
CA ASP E 135 -35.18 -4.40 6.93
C ASP E 135 -35.78 -5.34 7.96
N THR E 136 -36.38 -6.44 7.47
CA THR E 136 -36.99 -7.41 8.36
C THR E 136 -36.65 -8.85 7.98
N GLY E 137 -35.60 -9.05 7.19
CA GLY E 137 -35.19 -10.37 6.76
C GLY E 137 -34.14 -10.99 7.66
N LYS E 138 -33.29 -11.80 7.06
CA LYS E 138 -32.21 -12.46 7.79
C LYS E 138 -31.04 -11.49 7.97
N ALA E 139 -29.90 -12.00 8.42
CA ALA E 139 -28.72 -11.18 8.67
C ALA E 139 -27.80 -11.24 7.46
N CYS E 140 -27.52 -10.07 6.89
CA CYS E 140 -26.60 -9.98 5.76
C CYS E 140 -25.17 -10.09 6.24
N GLY E 141 -24.38 -10.92 5.56
CA GLY E 141 -22.98 -11.04 5.87
C GLY E 141 -22.46 -12.43 5.57
N VAL E 142 -21.27 -12.70 6.08
CA VAL E 142 -20.57 -13.96 5.88
C VAL E 142 -20.71 -14.80 7.14
N ASP E 143 -21.11 -16.06 6.98
CA ASP E 143 -21.35 -16.95 8.09
C ASP E 143 -20.68 -18.29 7.83
N TYR E 144 -20.31 -18.97 8.92
CA TYR E 144 -19.83 -20.34 8.87
C TYR E 144 -20.78 -21.24 9.64
N GLU E 145 -20.87 -22.49 9.22
CA GLU E 145 -21.82 -23.41 9.82
C GLU E 145 -21.29 -24.84 9.70
N VAL E 146 -21.31 -25.57 10.81
CA VAL E 146 -20.96 -26.99 10.84
C VAL E 146 -22.26 -27.77 10.95
N LYS E 147 -22.57 -28.57 9.93
CA LYS E 147 -23.82 -29.29 9.84
C LYS E 147 -23.56 -30.78 9.70
N ALA E 148 -24.15 -31.57 10.58
CA ALA E 148 -24.07 -33.03 10.53
C ALA E 148 -25.46 -33.58 10.27
N PHE E 149 -25.57 -34.53 9.35
CA PHE E 149 -26.87 -35.04 8.94
C PHE E 149 -26.76 -36.53 8.62
N CYS E 150 -27.91 -37.20 8.65
CA CYS E 150 -28.02 -38.61 8.32
C CYS E 150 -28.71 -38.74 6.97
N ALA E 151 -27.99 -39.28 5.99
CA ALA E 151 -28.55 -39.48 4.66
C ALA E 151 -27.88 -40.67 3.99
N GLU E 152 -28.64 -41.37 3.16
CA GLU E 152 -28.09 -42.52 2.45
C GLU E 152 -26.98 -42.11 1.48
N ASN E 153 -27.19 -41.02 0.75
CA ASN E 153 -26.22 -40.51 -0.21
C ASN E 153 -26.09 -39.01 -0.04
N LEU E 154 -25.23 -38.41 -0.84
CA LEU E 154 -24.99 -36.97 -0.77
C LEU E 154 -25.89 -36.16 -1.69
N GLU E 155 -26.66 -36.82 -2.57
CA GLU E 155 -27.60 -36.14 -3.44
C GLU E 155 -29.00 -36.06 -2.85
N GLU E 156 -29.19 -36.55 -1.64
CA GLU E 156 -30.49 -36.50 -0.97
C GLU E 156 -30.58 -35.26 -0.11
N LYS E 157 -31.77 -34.66 -0.07
CA LYS E 157 -31.98 -33.43 0.69
C LYS E 157 -31.73 -33.67 2.18
N ILE E 158 -31.32 -32.63 2.86
CA ILE E 158 -31.09 -32.69 4.30
C ILE E 158 -32.43 -32.60 5.02
N HIS E 159 -32.61 -33.46 6.02
CA HIS E 159 -33.85 -33.50 6.78
C HIS E 159 -33.68 -32.78 8.10
N LYS E 160 -34.73 -32.07 8.53
CA LYS E 160 -34.66 -31.29 9.76
C LYS E 160 -34.56 -32.18 10.99
N ARG E 161 -35.20 -33.34 10.97
CA ARG E 161 -35.18 -34.23 12.13
C ARG E 161 -33.85 -34.95 12.28
N ASN E 162 -33.09 -35.12 11.19
CA ASN E 162 -31.84 -35.86 11.23
C ASN E 162 -30.61 -34.98 11.35
N SER E 163 -30.72 -33.69 11.09
CA SER E 163 -29.56 -32.82 10.96
C SER E 163 -29.38 -31.95 12.18
N VAL E 164 -28.13 -31.61 12.47
CA VAL E 164 -27.76 -30.67 13.52
C VAL E 164 -26.90 -29.57 12.89
N ARG E 165 -27.31 -28.32 13.07
CA ARG E 165 -26.58 -27.18 12.53
C ARG E 165 -26.00 -26.37 13.68
N LEU E 166 -24.69 -26.14 13.64
CA LEU E 166 -23.99 -25.32 14.63
C LEU E 166 -23.29 -24.18 13.89
N VAL E 167 -23.60 -22.95 14.28
CA VAL E 167 -22.95 -21.78 13.71
C VAL E 167 -21.59 -21.59 14.38
N ILE E 168 -20.54 -21.47 13.56
CA ILE E 168 -19.21 -21.19 14.06
C ILE E 168 -18.72 -19.90 13.40
N ARG E 169 -17.68 -19.31 13.99
CA ARG E 169 -17.18 -18.03 13.56
C ARG E 169 -15.67 -18.12 13.30
N LYS E 170 -15.24 -17.50 12.21
CA LYS E 170 -13.82 -17.29 11.93
C LYS E 170 -13.43 -15.91 12.40
N VAL E 171 -12.53 -15.84 13.37
CA VAL E 171 -12.18 -14.58 14.00
C VAL E 171 -10.69 -14.32 13.83
N GLN E 172 -10.33 -13.05 13.97
CA GLN E 172 -8.93 -12.61 13.93
C GLN E 172 -8.68 -11.68 15.10
N TYR E 173 -7.54 -11.86 15.75
CA TYR E 173 -7.17 -11.05 16.91
C TYR E 173 -6.04 -10.09 16.55
N ALA E 174 -5.84 -9.11 17.40
CA ALA E 174 -4.87 -8.05 17.14
C ALA E 174 -3.47 -8.65 17.05
N PRO E 175 -2.63 -8.17 16.14
CA PRO E 175 -1.24 -8.67 16.06
C PRO E 175 -0.50 -8.37 17.35
N GLU E 176 0.34 -9.34 17.76
CA GLU E 176 1.07 -9.20 19.02
C GLU E 176 2.05 -8.04 18.97
N ARG E 177 2.78 -7.89 17.87
CA ARG E 177 3.77 -6.84 17.75
C ARG E 177 3.11 -5.57 17.23
N PRO E 178 3.23 -4.44 17.94
CA PRO E 178 2.66 -3.19 17.43
C PRO E 178 3.32 -2.78 16.12
N GLY E 179 2.52 -2.20 15.23
CA GLY E 179 3.01 -1.78 13.94
C GLY E 179 3.64 -0.40 14.00
N PRO E 180 4.10 0.07 12.84
CA PRO E 180 4.66 1.42 12.77
C PRO E 180 3.60 2.47 13.05
N GLN E 181 4.04 3.56 13.66
CA GLN E 181 3.11 4.63 14.00
C GLN E 181 2.51 5.22 12.73
N PRO E 182 1.18 5.30 12.63
CA PRO E 182 0.55 5.83 11.41
C PRO E 182 0.65 7.34 11.36
N THR E 183 1.53 7.84 10.49
CA THR E 183 1.72 9.26 10.28
C THR E 183 1.45 9.60 8.82
N ALA E 184 0.87 10.77 8.59
CA ALA E 184 0.61 11.23 7.24
C ALA E 184 0.59 12.75 7.23
N GLU E 185 0.93 13.32 6.08
CA GLU E 185 1.00 14.76 5.94
C GLU E 185 0.71 15.16 4.51
N THR E 186 0.33 16.42 4.33
CA THR E 186 0.02 16.95 3.01
C THR E 186 0.38 18.43 2.98
N THR E 187 0.49 18.97 1.77
CA THR E 187 0.85 20.36 1.58
C THR E 187 0.04 20.93 0.43
N ARG E 188 -0.45 22.16 0.61
CA ARG E 188 -1.20 22.85 -0.43
C ARG E 188 -0.58 24.22 -0.67
N GLN E 189 -0.54 24.61 -1.93
CA GLN E 189 -0.05 25.93 -2.34
C GLN E 189 -1.21 26.71 -2.92
N PHE E 190 -1.36 27.96 -2.49
CA PHE E 190 -2.44 28.82 -2.96
C PHE E 190 -1.87 29.91 -3.87
N LEU E 191 -2.75 30.52 -4.65
CA LEU E 191 -2.33 31.45 -5.69
C LEU E 191 -1.70 32.71 -5.08
N MET E 192 -2.46 33.45 -4.28
CA MET E 192 -1.98 34.68 -3.70
C MET E 192 -0.99 34.47 -2.56
N SER E 193 -0.84 33.23 -2.09
CA SER E 193 0.07 32.93 -0.99
C SER E 193 1.40 32.43 -1.54
N ASP E 194 2.49 33.02 -1.07
CA ASP E 194 3.82 32.62 -1.53
C ASP E 194 4.31 31.38 -0.81
N LYS E 195 3.84 31.13 0.41
CA LYS E 195 4.22 29.98 1.21
C LYS E 195 3.04 29.02 1.32
N PRO E 196 3.29 27.73 1.50
CA PRO E 196 2.21 26.73 1.45
C PRO E 196 1.60 26.44 2.81
N LEU E 197 0.46 25.76 2.78
CA LEU E 197 -0.23 25.29 3.98
C LEU E 197 0.14 23.84 4.23
N HIS E 198 0.67 23.56 5.42
CA HIS E 198 1.11 22.22 5.78
C HIS E 198 0.19 21.65 6.85
N LEU E 199 -0.21 20.39 6.66
CA LEU E 199 -1.02 19.66 7.62
C LEU E 199 -0.33 18.35 7.94
N GLU E 200 -0.13 18.08 9.23
CA GLU E 200 0.46 16.84 9.70
C GLU E 200 -0.47 16.20 10.72
N ALA E 201 -0.76 14.92 10.54
CA ALA E 201 -1.60 14.17 11.46
C ALA E 201 -0.92 12.85 11.80
N SER E 202 -1.13 12.38 13.01
CA SER E 202 -0.57 11.11 13.45
C SER E 202 -1.44 10.53 14.54
N LEU E 203 -1.35 9.21 14.72
CA LEU E 203 -2.03 8.50 15.79
C LEU E 203 -1.00 7.98 16.79
N ASP E 204 -1.41 7.86 18.04
CA ASP E 204 -0.49 7.42 19.09
C ASP E 204 -0.04 5.97 18.90
N LYS E 205 -0.81 5.16 18.18
CA LYS E 205 -0.44 3.77 17.92
C LYS E 205 -1.18 3.31 16.69
N GLU E 206 -0.79 2.15 16.17
CA GLU E 206 -1.36 1.63 14.93
C GLU E 206 -2.44 0.58 15.18
N ILE E 207 -2.37 -0.15 16.29
CA ILE E 207 -3.36 -1.16 16.65
C ILE E 207 -4.16 -0.65 17.83
N TYR E 208 -5.47 -0.55 17.65
CA TYR E 208 -6.38 -0.16 18.71
C TYR E 208 -7.34 -1.31 19.03
N TYR E 209 -7.90 -1.27 20.23
CA TYR E 209 -8.87 -2.25 20.68
C TYR E 209 -10.26 -1.64 20.71
N HIS E 210 -11.26 -2.50 20.75
CA HIS E 210 -12.64 -2.03 20.73
C HIS E 210 -12.99 -1.37 22.05
N GLY E 211 -13.47 -0.13 21.98
CA GLY E 211 -13.72 0.68 23.14
C GLY E 211 -12.55 1.54 23.58
N GLU E 212 -11.35 1.26 23.10
CA GLU E 212 -10.18 2.06 23.40
C GLU E 212 -10.21 3.37 22.62
N PRO E 213 -9.93 4.50 23.26
CA PRO E 213 -9.93 5.78 22.55
C PRO E 213 -8.77 5.89 21.58
N ILE E 214 -8.97 6.71 20.55
CA ILE E 214 -7.97 6.96 19.51
C ILE E 214 -7.55 8.41 19.62
N SER E 215 -6.25 8.64 19.84
CA SER E 215 -5.71 9.99 19.98
C SER E 215 -5.09 10.41 18.65
N VAL E 216 -5.58 11.54 18.12
CA VAL E 216 -5.13 12.06 16.83
C VAL E 216 -4.34 13.33 17.09
N ASN E 217 -3.04 13.29 16.80
CA ASN E 217 -2.18 14.45 16.98
C ASN E 217 -2.10 15.21 15.66
N VAL E 218 -2.61 16.43 15.65
CA VAL E 218 -2.73 17.25 14.44
C VAL E 218 -1.79 18.44 14.55
N HIS E 219 -0.95 18.64 13.54
CA HIS E 219 -0.10 19.81 13.43
C HIS E 219 -0.44 20.54 12.14
N VAL E 220 -0.85 21.80 12.27
CA VAL E 220 -1.19 22.64 11.12
C VAL E 220 -0.24 23.83 11.10
N THR E 221 0.45 24.01 9.98
CA THR E 221 1.37 25.14 9.78
C THR E 221 0.80 25.99 8.66
N ASN E 222 -0.02 26.97 9.04
CA ASN E 222 -0.67 27.85 8.06
C ASN E 222 0.26 29.01 7.77
N ASN E 223 1.03 28.90 6.68
CA ASN E 223 1.89 29.96 6.21
C ASN E 223 1.25 30.78 5.11
N THR E 224 0.00 30.49 4.76
CA THR E 224 -0.70 31.14 3.67
C THR E 224 -1.45 32.36 4.17
N ASN E 225 -2.16 33.02 3.25
CA ASN E 225 -3.04 34.13 3.59
C ASN E 225 -4.42 33.69 4.02
N LYS E 226 -4.70 32.39 4.00
CA LYS E 226 -6.02 31.85 4.25
C LYS E 226 -6.12 31.28 5.65
N THR E 227 -7.33 31.28 6.21
CA THR E 227 -7.59 30.81 7.55
C THR E 227 -8.25 29.44 7.49
N VAL E 228 -7.77 28.51 8.32
CA VAL E 228 -8.42 27.22 8.49
C VAL E 228 -9.61 27.41 9.42
N LYS E 229 -10.82 27.36 8.85
CA LYS E 229 -12.01 27.63 9.64
C LYS E 229 -12.30 26.51 10.62
N LYS E 230 -12.25 25.26 10.17
CA LYS E 230 -12.63 24.12 10.98
C LYS E 230 -11.66 22.98 10.75
N ILE E 231 -11.59 22.09 11.74
CA ILE E 231 -10.84 20.85 11.64
C ILE E 231 -11.80 19.71 11.97
N LYS E 232 -12.05 18.84 10.99
CA LYS E 232 -12.96 17.71 11.16
C LYS E 232 -12.14 16.44 11.34
N ILE E 233 -12.30 15.79 12.48
CA ILE E 233 -11.64 14.52 12.78
C ILE E 233 -12.71 13.44 12.74
N SER E 234 -12.52 12.43 11.90
CA SER E 234 -13.51 11.38 11.76
C SER E 234 -12.84 10.03 11.62
N VAL E 235 -13.39 9.03 12.30
CA VAL E 235 -13.01 7.64 12.11
C VAL E 235 -14.05 7.01 11.18
N ARG E 236 -13.59 6.44 10.08
CA ARG E 236 -14.48 5.84 9.10
C ARG E 236 -14.14 4.38 8.89
N GLN E 237 -15.18 3.58 8.66
CA GLN E 237 -15.03 2.14 8.42
C GLN E 237 -15.23 1.86 6.94
N TYR E 238 -14.29 1.11 6.37
CA TYR E 238 -14.33 0.75 4.95
C TYR E 238 -14.65 -0.73 4.85
N ALA E 239 -15.78 -1.05 4.23
CA ALA E 239 -16.20 -2.43 4.01
C ALA E 239 -16.10 -2.73 2.52
N ASP E 240 -15.20 -3.65 2.16
CA ASP E 240 -15.02 -4.09 0.79
C ASP E 240 -15.87 -5.35 0.58
N ILE E 241 -17.02 -5.19 -0.07
CA ILE E 241 -17.94 -6.28 -0.31
C ILE E 241 -17.84 -6.68 -1.77
N CYS E 242 -17.49 -7.94 -2.01
CA CYS E 242 -17.28 -8.46 -3.37
C CYS E 242 -17.98 -9.80 -3.50
N LEU E 243 -19.21 -9.80 -4.02
CA LEU E 243 -19.87 -11.03 -4.42
C LEU E 243 -20.15 -11.04 -5.93
N PHE E 244 -20.90 -10.07 -6.44
CA PHE E 244 -21.16 -9.92 -7.86
C PHE E 244 -20.39 -8.78 -8.48
N ASN E 245 -20.19 -7.70 -7.73
CA ASN E 245 -19.38 -6.56 -8.14
C ASN E 245 -18.34 -6.28 -7.08
N THR E 246 -17.56 -5.22 -7.30
CA THR E 246 -16.63 -4.69 -6.32
C THR E 246 -17.20 -3.37 -5.81
N ALA E 247 -17.43 -3.30 -4.50
CA ALA E 247 -18.00 -2.10 -3.90
C ALA E 247 -17.35 -1.85 -2.55
N GLN E 248 -16.83 -0.64 -2.35
CA GLN E 248 -16.33 -0.21 -1.07
C GLN E 248 -17.34 0.76 -0.45
N TYR E 249 -17.72 0.51 0.79
CA TYR E 249 -18.72 1.32 1.48
C TYR E 249 -18.05 2.07 2.62
N LYS E 250 -18.40 3.35 2.74
CA LYS E 250 -17.82 4.23 3.74
C LYS E 250 -18.85 4.50 4.83
N CYS E 251 -18.39 4.48 6.07
CA CYS E 251 -19.28 4.72 7.21
C CYS E 251 -18.52 5.40 8.33
N PRO E 252 -18.81 6.68 8.61
CA PRO E 252 -18.13 7.35 9.73
C PRO E 252 -18.64 6.88 11.08
N VAL E 253 -17.80 6.12 11.80
CA VAL E 253 -18.22 5.59 13.09
C VAL E 253 -17.95 6.54 14.25
N ALA E 254 -17.10 7.55 14.06
CA ALA E 254 -16.85 8.57 15.06
C ALA E 254 -16.48 9.86 14.35
N MET E 255 -16.88 10.99 14.93
CA MET E 255 -16.64 12.29 14.34
C MET E 255 -16.33 13.31 15.43
N GLU E 256 -15.66 14.38 15.03
CA GLU E 256 -15.37 15.49 15.93
C GLU E 256 -15.21 16.75 15.08
N GLU E 257 -16.25 17.58 15.05
CA GLU E 257 -16.22 18.84 14.31
C GLU E 257 -15.74 19.93 15.27
N ALA E 258 -14.44 20.21 15.23
CA ALA E 258 -13.84 21.21 16.10
C ALA E 258 -13.90 22.59 15.45
N ASP E 259 -14.18 23.61 16.27
CA ASP E 259 -14.21 24.99 15.81
C ASP E 259 -12.85 25.67 15.92
N ASP E 260 -11.77 24.90 15.89
CA ASP E 260 -10.44 25.48 16.02
C ASP E 260 -10.04 26.19 14.73
N THR E 261 -9.58 27.43 14.87
CA THR E 261 -9.20 28.25 13.72
C THR E 261 -7.69 28.48 13.75
N VAL E 262 -7.05 28.34 12.60
CA VAL E 262 -5.64 28.59 12.44
C VAL E 262 -5.47 29.89 11.67
N ALA E 263 -4.83 30.87 12.30
CA ALA E 263 -4.68 32.17 11.68
C ALA E 263 -3.62 32.13 10.58
N PRO E 264 -3.71 33.03 9.60
CA PRO E 264 -2.66 33.11 8.58
C PRO E 264 -1.33 33.43 9.22
N SER E 265 -0.27 32.83 8.66
CA SER E 265 1.09 32.96 9.21
C SER E 265 1.15 32.53 10.67
N SER E 266 0.43 31.45 10.99
CA SER E 266 0.38 30.91 12.34
C SER E 266 0.29 29.39 12.28
N THR E 267 0.73 28.75 13.35
CA THR E 267 0.72 27.30 13.46
C THR E 267 -0.22 26.87 14.59
N PHE E 268 -0.62 25.60 14.54
CA PHE E 268 -1.60 25.07 15.48
C PHE E 268 -1.33 23.58 15.69
N CYS E 269 -1.22 23.17 16.95
CA CYS E 269 -1.02 21.77 17.31
C CYS E 269 -2.01 21.39 18.40
N LYS E 270 -2.73 20.29 18.20
CA LYS E 270 -3.64 19.78 19.22
C LYS E 270 -3.78 18.28 19.05
N VAL E 271 -4.22 17.63 20.13
CA VAL E 271 -4.45 16.18 20.16
C VAL E 271 -5.93 15.95 20.37
N TYR E 272 -6.56 15.25 19.43
CA TYR E 272 -7.98 14.94 19.50
C TYR E 272 -8.17 13.48 19.90
N THR E 273 -9.18 13.21 20.71
CA THR E 273 -9.48 11.87 21.19
C THR E 273 -10.83 11.43 20.64
N LEU E 274 -10.84 10.26 20.01
CA LEU E 274 -12.06 9.69 19.44
C LEU E 274 -12.19 8.25 19.87
N THR E 275 -13.44 7.82 20.06
CA THR E 275 -13.75 6.43 20.41
C THR E 275 -14.92 5.94 19.58
N PRO E 276 -14.71 5.01 18.66
CA PRO E 276 -15.84 4.41 17.93
C PRO E 276 -16.56 3.39 18.79
N PHE E 277 -17.89 3.48 18.82
CA PHE E 277 -18.70 2.53 19.56
C PHE E 277 -20.07 2.43 18.90
N LEU E 278 -20.82 1.40 19.27
CA LEU E 278 -22.04 1.05 18.55
C LEU E 278 -23.28 1.83 19.00
N ALA E 279 -23.23 2.48 20.16
CA ALA E 279 -24.44 3.10 20.70
C ALA E 279 -24.97 4.20 19.78
N ASN E 280 -24.08 4.98 19.18
CA ASN E 280 -24.48 6.07 18.31
C ASN E 280 -24.45 5.72 16.83
N ASN E 281 -24.13 4.46 16.49
CA ASN E 281 -24.07 4.03 15.10
C ASN E 281 -25.14 3.00 14.78
N ARG E 282 -26.20 2.92 15.58
CA ARG E 282 -27.21 1.89 15.41
C ARG E 282 -28.20 2.19 14.29
N GLU E 283 -28.17 3.40 13.74
CA GLU E 283 -29.06 3.77 12.64
C GLU E 283 -28.39 3.72 11.28
N LYS E 284 -27.13 3.27 11.22
CA LYS E 284 -26.37 3.27 9.98
C LYS E 284 -26.50 1.89 9.32
N ARG E 285 -27.28 1.82 8.25
CA ARG E 285 -27.47 0.56 7.55
C ARG E 285 -26.20 0.17 6.80
N GLY E 286 -25.91 -1.12 6.78
CA GLY E 286 -24.73 -1.63 6.12
C GLY E 286 -23.46 -1.56 6.93
N LEU E 287 -23.52 -1.04 8.15
CA LEU E 287 -22.34 -0.96 8.99
C LEU E 287 -21.91 -2.37 9.40
N ALA E 288 -20.63 -2.67 9.19
CA ALA E 288 -20.12 -4.02 9.43
C ALA E 288 -19.94 -4.25 10.92
N LEU E 289 -20.41 -5.41 11.38
CA LEU E 289 -20.26 -5.85 12.76
C LEU E 289 -19.61 -7.22 12.77
N ASP E 290 -18.99 -7.58 13.89
CA ASP E 290 -18.45 -8.92 14.02
C ASP E 290 -19.58 -9.95 13.99
N GLY E 291 -19.21 -11.17 13.60
CA GLY E 291 -20.19 -12.23 13.43
C GLY E 291 -21.01 -12.53 14.65
N LYS E 292 -22.32 -12.67 14.47
CA LYS E 292 -23.23 -13.02 15.53
C LYS E 292 -23.48 -14.52 15.54
N LEU E 293 -23.78 -15.07 16.72
CA LEU E 293 -24.13 -16.48 16.79
C LEU E 293 -25.59 -16.68 16.42
N LYS E 294 -26.52 -16.10 17.18
CA LYS E 294 -27.92 -16.07 16.74
C LYS E 294 -28.38 -14.63 16.49
N HIS E 295 -28.48 -13.80 17.54
CA HIS E 295 -28.84 -12.40 17.34
C HIS E 295 -28.19 -11.46 18.35
N GLU E 296 -27.18 -11.93 19.09
CA GLU E 296 -26.64 -11.12 20.18
C GLU E 296 -26.00 -9.85 19.64
N ASP E 297 -25.77 -8.90 20.54
CA ASP E 297 -25.26 -7.59 20.18
C ASP E 297 -23.74 -7.69 20.11
N THR E 298 -23.19 -7.52 18.91
CA THR E 298 -21.76 -7.55 18.68
C THR E 298 -21.26 -6.15 18.37
N ASN E 299 -19.98 -5.93 18.62
CA ASN E 299 -19.39 -4.61 18.43
C ASN E 299 -19.17 -4.33 16.94
N LEU E 300 -18.50 -3.21 16.66
CA LEU E 300 -18.13 -2.90 15.29
C LEU E 300 -17.15 -3.95 14.78
N ALA E 301 -17.16 -4.16 13.47
CA ALA E 301 -16.36 -5.22 12.88
C ALA E 301 -14.87 -4.96 13.11
N SER E 302 -14.14 -6.04 13.40
CA SER E 302 -12.70 -5.94 13.54
C SER E 302 -12.05 -5.76 12.17
N SER E 303 -10.88 -5.13 12.17
CA SER E 303 -10.10 -5.03 10.94
C SER E 303 -9.64 -6.43 10.51
N THR E 304 -9.78 -6.71 9.23
CA THR E 304 -9.37 -8.00 8.68
C THR E 304 -7.88 -7.96 8.35
N LEU E 305 -7.15 -8.97 8.80
CA LEU E 305 -5.70 -9.05 8.60
C LEU E 305 -5.44 -9.85 7.34
N LEU E 306 -4.90 -9.18 6.32
CA LEU E 306 -4.56 -9.82 5.06
C LEU E 306 -3.06 -10.07 4.99
N ARG E 307 -2.64 -10.72 3.91
CA ARG E 307 -1.22 -10.91 3.67
C ARG E 307 -0.54 -9.57 3.43
N GLU E 308 0.77 -9.50 3.72
CA GLU E 308 1.50 -8.25 3.62
C GLU E 308 1.35 -7.63 2.24
N GLY E 309 1.85 -8.32 1.21
CA GLY E 309 1.59 -7.91 -0.15
C GLY E 309 1.02 -9.04 -0.98
N ALA E 310 -0.25 -8.93 -1.37
CA ALA E 310 -0.87 -9.94 -2.21
C ALA E 310 -1.70 -9.37 -3.36
N ASN E 311 -2.23 -8.14 -3.25
CA ASN E 311 -3.08 -7.55 -4.28
C ASN E 311 -4.24 -8.48 -4.64
N ARG E 312 -4.77 -9.17 -3.63
CA ARG E 312 -5.79 -10.19 -3.84
C ARG E 312 -7.15 -9.67 -3.42
N GLU E 313 -8.14 -9.81 -4.29
CA GLU E 313 -9.52 -9.46 -4.00
C GLU E 313 -10.28 -10.73 -3.65
N ILE E 314 -10.91 -10.73 -2.49
CA ILE E 314 -11.50 -11.94 -1.92
C ILE E 314 -13.01 -11.76 -1.86
N LEU E 315 -13.75 -12.81 -2.24
CA LEU E 315 -15.19 -12.83 -2.04
C LEU E 315 -15.50 -12.66 -0.57
N GLY E 316 -16.55 -11.88 -0.27
CA GLY E 316 -16.95 -11.64 1.10
C GLY E 316 -16.89 -10.17 1.45
N ILE E 317 -16.60 -9.90 2.72
CA ILE E 317 -16.54 -8.54 3.26
C ILE E 317 -15.17 -8.31 3.87
N ILE E 318 -14.51 -7.23 3.47
CA ILE E 318 -13.19 -6.85 3.96
C ILE E 318 -13.35 -5.52 4.69
N VAL E 319 -12.98 -5.48 5.96
CA VAL E 319 -13.23 -4.33 6.83
C VAL E 319 -11.89 -3.68 7.17
N SER E 320 -11.83 -2.36 7.01
CA SER E 320 -10.67 -1.58 7.40
C SER E 320 -11.13 -0.23 7.94
N TYR E 321 -10.28 0.40 8.75
CA TYR E 321 -10.60 1.66 9.41
C TYR E 321 -9.52 2.68 9.10
N LYS E 322 -9.95 3.94 8.92
CA LYS E 322 -9.03 5.05 8.73
C LYS E 322 -9.56 6.27 9.49
N VAL E 323 -8.65 7.13 9.91
CA VAL E 323 -8.98 8.40 10.53
C VAL E 323 -8.72 9.50 9.51
N LYS E 324 -9.77 10.25 9.16
CA LYS E 324 -9.66 11.34 8.19
C LYS E 324 -9.60 12.66 8.94
N VAL E 325 -8.50 13.38 8.76
CA VAL E 325 -8.32 14.72 9.32
C VAL E 325 -8.51 15.72 8.19
N LYS E 326 -9.61 16.45 8.21
CA LYS E 326 -9.97 17.37 7.14
C LYS E 326 -9.93 18.80 7.64
N LEU E 327 -9.26 19.67 6.90
CA LEU E 327 -9.16 21.09 7.21
C LEU E 327 -10.09 21.85 6.28
N VAL E 328 -10.87 22.76 6.85
CA VAL E 328 -11.77 23.62 6.08
C VAL E 328 -11.12 24.99 5.97
N VAL E 329 -10.85 25.41 4.74
CA VAL E 329 -10.11 26.64 4.46
C VAL E 329 -11.08 27.67 3.90
N SER E 330 -10.96 28.91 4.39
CA SER E 330 -11.85 29.98 3.96
C SER E 330 -11.72 30.25 2.48
N ARG E 331 -12.85 30.52 1.83
CA ARG E 331 -12.90 30.78 0.39
C ARG E 331 -12.95 32.28 0.17
N GLY E 332 -11.95 32.80 -0.52
CA GLY E 332 -11.90 34.23 -0.78
C GLY E 332 -10.54 34.65 -1.31
N GLY E 333 -10.23 35.92 -1.12
CA GLY E 333 -8.98 36.47 -1.60
C GLY E 333 -8.84 36.42 -3.11
N LEU E 334 -9.91 36.77 -3.82
CA LEU E 334 -9.95 36.77 -5.28
C LEU E 334 -9.38 35.46 -5.82
N LEU E 335 -8.67 35.49 -6.94
CA LEU E 335 -8.07 34.34 -7.61
C LEU E 335 -9.10 33.35 -8.14
N GLY E 336 -10.38 33.73 -8.14
CA GLY E 336 -11.42 32.88 -8.69
C GLY E 336 -11.56 31.54 -7.99
N ASP E 337 -11.38 31.50 -6.67
CA ASP E 337 -11.40 30.26 -5.90
C ASP E 337 -10.46 29.24 -6.51
N LEU E 338 -11.02 28.22 -7.17
CA LEU E 338 -10.24 27.18 -7.84
C LEU E 338 -9.29 26.47 -6.89
N ALA E 339 -9.67 26.38 -5.62
CA ALA E 339 -8.89 25.69 -4.61
C ALA E 339 -9.75 24.63 -3.93
N SER E 340 -9.08 23.62 -3.38
CA SER E 340 -9.80 22.50 -2.77
C SER E 340 -10.61 22.94 -1.57
N SER E 341 -10.02 23.77 -0.70
CA SER E 341 -10.66 24.25 0.53
C SER E 341 -10.97 23.11 1.49
N ASP E 342 -10.58 21.88 1.11
CA ASP E 342 -10.76 20.68 1.93
C ASP E 342 -9.43 19.94 1.92
N VAL E 343 -8.56 20.28 2.88
CA VAL E 343 -7.23 19.69 2.96
C VAL E 343 -7.34 18.50 3.91
N ALA E 344 -7.56 17.33 3.34
CA ALA E 344 -7.84 16.13 4.11
C ALA E 344 -6.62 15.20 4.16
N VAL E 345 -6.50 14.48 5.26
CA VAL E 345 -5.46 13.48 5.46
C VAL E 345 -6.11 12.26 6.13
N GLU E 346 -5.78 11.07 5.62
CA GLU E 346 -6.31 9.82 6.14
C GLU E 346 -5.19 8.97 6.73
N LEU E 347 -5.47 8.36 7.87
CA LEU E 347 -4.48 7.54 8.58
C LEU E 347 -5.06 6.17 8.86
N PRO E 348 -4.56 5.11 8.22
CA PRO E 348 -5.12 3.77 8.46
C PRO E 348 -4.60 3.17 9.75
N PHE E 349 -5.52 2.67 10.58
CA PHE E 349 -5.19 1.99 11.82
C PHE E 349 -5.91 0.66 11.88
N THR E 350 -5.59 -0.13 12.90
CA THR E 350 -6.15 -1.46 13.08
C THR E 350 -7.02 -1.47 14.32
N LEU E 351 -8.29 -1.87 14.14
CA LEU E 351 -9.25 -1.98 15.23
C LEU E 351 -9.59 -3.45 15.41
N MET E 352 -9.09 -4.05 16.49
CA MET E 352 -9.19 -5.48 16.70
C MET E 352 -9.40 -5.78 18.18
N HIS E 353 -9.44 -7.06 18.50
CA HIS E 353 -9.53 -7.66 19.83
C HIS E 353 -8.19 -8.23 20.25
N PRO E 354 -7.75 -7.98 21.48
CA PRO E 354 -6.51 -8.62 21.95
C PRO E 354 -6.66 -10.12 22.00
N LYS E 355 -5.55 -10.81 21.78
CA LYS E 355 -5.54 -12.26 21.87
C LYS E 355 -5.87 -12.68 23.30
N PRO E 356 -6.86 -13.55 23.51
CA PRO E 356 -7.22 -13.94 24.88
C PRO E 356 -6.05 -14.59 25.60
N LYS E 357 -5.94 -14.30 26.90
CA LYS E 357 -4.85 -14.81 27.71
C LYS E 357 -5.21 -16.17 28.32
N VAL F 5 -5.77 2.85 38.08
CA VAL F 5 -6.93 2.02 37.84
C VAL F 5 -7.66 1.75 39.16
N GLN F 6 -8.56 2.65 39.52
CA GLN F 6 -9.33 2.50 40.75
C GLN F 6 -10.61 3.32 40.63
N LEU F 7 -11.57 2.98 41.49
CA LEU F 7 -12.90 3.57 41.45
C LEU F 7 -13.19 4.29 42.75
N VAL F 8 -13.83 5.45 42.66
CA VAL F 8 -14.20 6.26 43.81
C VAL F 8 -15.68 6.61 43.70
N GLU F 9 -16.45 6.29 44.73
CA GLU F 9 -17.86 6.66 44.79
C GLU F 9 -18.11 7.58 45.97
N SER F 10 -19.08 8.48 45.81
CA SER F 10 -19.41 9.45 46.84
C SER F 10 -20.80 9.98 46.60
N GLY F 11 -21.52 10.25 47.69
CA GLY F 11 -22.86 10.82 47.58
C GLY F 11 -23.91 10.13 48.43
N GLY F 12 -23.48 9.23 49.31
CA GLY F 12 -24.42 8.52 50.17
C GLY F 12 -24.59 9.22 51.51
N GLY F 13 -25.84 9.24 51.98
CA GLY F 13 -26.13 9.91 53.24
C GLY F 13 -27.52 9.57 53.72
N LEU F 14 -27.83 10.06 54.91
CA LEU F 14 -29.13 9.82 55.53
C LEU F 14 -30.21 10.60 54.80
N VAL F 15 -31.23 9.89 54.33
CA VAL F 15 -32.34 10.48 53.58
C VAL F 15 -33.65 9.85 54.04
N GLN F 16 -34.66 10.68 54.23
CA GLN F 16 -35.96 10.19 54.68
C GLN F 16 -36.60 9.33 53.59
N PRO F 17 -37.45 8.37 53.97
CA PRO F 17 -38.13 7.55 52.97
C PRO F 17 -38.95 8.42 52.02
N GLY F 18 -38.93 8.04 50.75
CA GLY F 18 -39.49 8.87 49.70
C GLY F 18 -38.55 9.92 49.15
N GLY F 19 -37.35 10.04 49.72
CA GLY F 19 -36.38 10.99 49.25
C GLY F 19 -35.61 10.49 48.04
N SER F 20 -34.61 11.27 47.65
CA SER F 20 -33.82 10.96 46.47
C SER F 20 -32.36 11.27 46.73
N LEU F 21 -31.49 10.51 46.06
CA LEU F 21 -30.05 10.71 46.13
C LEU F 21 -29.45 10.50 44.76
N ARG F 22 -28.21 10.96 44.61
CA ARG F 22 -27.44 10.78 43.38
C ARG F 22 -26.06 10.27 43.77
N LEU F 23 -25.80 8.99 43.52
CA LEU F 23 -24.51 8.38 43.80
C LEU F 23 -23.63 8.47 42.57
N SER F 24 -22.46 9.07 42.72
CA SER F 24 -21.51 9.24 41.62
C SER F 24 -20.34 8.31 41.80
N CYS F 25 -19.82 7.79 40.70
CA CYS F 25 -18.71 6.84 40.71
C CYS F 25 -17.61 7.38 39.79
N ALA F 26 -16.58 7.98 40.39
CA ALA F 26 -15.49 8.59 39.64
C ALA F 26 -14.55 7.49 39.17
N ALA F 27 -14.78 6.99 37.96
CA ALA F 27 -13.96 5.94 37.39
C ALA F 27 -12.70 6.53 36.77
N SER F 28 -11.55 5.92 37.07
CA SER F 28 -10.28 6.38 36.53
C SER F 28 -9.42 5.18 36.19
N GLY F 29 -8.58 5.33 35.16
CA GLY F 29 -7.70 4.27 34.73
C GLY F 29 -8.25 3.38 33.63
N PHE F 30 -9.50 3.57 33.22
CA PHE F 30 -10.06 2.79 32.12
C PHE F 30 -11.13 3.62 31.43
N ASN F 31 -11.44 3.22 30.20
CA ASN F 31 -12.39 3.94 29.37
C ASN F 31 -13.81 3.43 29.61
N VAL F 32 -14.78 4.34 29.48
CA VAL F 32 -16.18 4.00 29.66
C VAL F 32 -16.69 3.06 28.58
N TYR F 33 -16.05 3.01 27.41
CA TYR F 33 -16.52 2.18 26.31
C TYR F 33 -15.82 0.84 26.23
N SER F 34 -14.69 0.67 26.90
CA SER F 34 -14.04 -0.62 27.04
C SER F 34 -14.40 -1.30 28.36
N SER F 35 -15.28 -0.70 29.15
CA SER F 35 -15.67 -1.24 30.44
C SER F 35 -17.17 -1.05 30.64
N SER F 36 -17.71 -1.85 31.55
CA SER F 36 -19.11 -1.73 31.96
C SER F 36 -19.13 -1.41 33.45
N ILE F 37 -19.96 -0.45 33.84
CA ILE F 37 -20.02 0.03 35.22
C ILE F 37 -21.30 -0.51 35.86
N HIS F 38 -21.14 -1.14 37.02
CA HIS F 38 -22.24 -1.80 37.72
C HIS F 38 -22.34 -1.26 39.14
N TRP F 39 -23.55 -1.23 39.66
CA TRP F 39 -23.81 -0.89 41.05
C TRP F 39 -24.32 -2.13 41.78
N VAL F 40 -23.65 -2.50 42.86
CA VAL F 40 -24.04 -3.63 43.70
C VAL F 40 -24.14 -3.14 45.13
N ARG F 41 -25.34 -3.22 45.69
CA ARG F 41 -25.58 -2.78 47.07
C ARG F 41 -25.55 -3.97 48.01
N GLN F 42 -25.39 -3.68 49.30
CA GLN F 42 -25.32 -4.72 50.32
C GLN F 42 -25.96 -4.18 51.59
N ALA F 43 -27.13 -4.69 51.94
CA ALA F 43 -27.77 -4.30 53.19
C ALA F 43 -26.91 -4.76 54.37
N PRO F 44 -26.90 -4.01 55.47
CA PRO F 44 -26.06 -4.38 56.61
C PRO F 44 -26.44 -5.75 57.15
N GLY F 45 -25.46 -6.65 57.20
CA GLY F 45 -25.68 -8.01 57.63
C GLY F 45 -26.17 -8.95 56.56
N LYS F 46 -26.39 -8.47 55.35
CA LYS F 46 -26.88 -9.28 54.23
C LYS F 46 -25.78 -9.47 53.20
N GLY F 47 -26.13 -10.11 52.09
CA GLY F 47 -25.19 -10.37 51.02
C GLY F 47 -25.29 -9.35 49.88
N LEU F 48 -24.40 -9.55 48.90
CA LEU F 48 -24.34 -8.66 47.76
C LEU F 48 -25.61 -8.76 46.91
N GLU F 49 -26.04 -7.64 46.35
CA GLU F 49 -27.22 -7.59 45.50
C GLU F 49 -26.98 -6.58 44.40
N TRP F 50 -27.04 -7.04 43.15
CA TRP F 50 -26.88 -6.18 41.99
C TRP F 50 -28.15 -5.37 41.75
N VAL F 51 -27.99 -4.07 41.53
CA VAL F 51 -29.13 -3.18 41.32
C VAL F 51 -29.13 -2.57 39.92
N ALA F 52 -27.98 -2.16 39.40
CA ALA F 52 -27.97 -1.44 38.13
C ALA F 52 -26.65 -1.65 37.40
N SER F 53 -26.75 -1.72 36.07
CA SER F 53 -25.59 -1.86 35.19
C SER F 53 -25.76 -0.94 33.99
N ILE F 54 -24.65 -0.40 33.51
CA ILE F 54 -24.65 0.44 32.31
C ILE F 54 -23.52 -0.01 31.39
N SER F 55 -23.82 -0.05 30.09
CA SER F 55 -22.82 -0.33 29.06
C SER F 55 -22.82 0.84 28.10
N SER F 56 -21.78 1.67 28.16
CA SER F 56 -21.74 2.86 27.31
C SER F 56 -21.43 2.51 25.86
N TYR F 57 -20.77 1.37 25.62
CA TYR F 57 -20.50 0.97 24.25
C TYR F 57 -21.79 0.68 23.49
N TYR F 58 -22.73 -0.01 24.13
CA TYR F 58 -24.01 -0.35 23.51
C TYR F 58 -25.12 0.62 23.88
N GLY F 59 -24.91 1.49 24.85
CA GLY F 59 -25.95 2.39 25.30
C GLY F 59 -27.12 1.69 25.96
N TYR F 60 -26.84 0.68 26.78
CA TYR F 60 -27.86 -0.12 27.43
C TYR F 60 -27.71 -0.03 28.94
N THR F 61 -28.84 0.09 29.63
CA THR F 61 -28.88 0.16 31.08
C THR F 61 -29.81 -0.93 31.61
N TYR F 62 -29.38 -1.62 32.65
CA TYR F 62 -30.14 -2.69 33.27
C TYR F 62 -30.38 -2.36 34.73
N TYR F 63 -31.57 -2.71 35.22
CA TYR F 63 -31.92 -2.49 36.61
C TYR F 63 -32.51 -3.77 37.20
N ALA F 64 -32.39 -3.90 38.52
CA ALA F 64 -33.06 -4.98 39.22
C ALA F 64 -34.55 -4.70 39.29
N ASP F 65 -35.33 -5.77 39.50
CA ASP F 65 -36.78 -5.63 39.58
C ASP F 65 -37.20 -4.80 40.79
N SER F 66 -36.39 -4.80 41.85
CA SER F 66 -36.72 -4.01 43.04
C SER F 66 -36.56 -2.51 42.79
N VAL F 67 -35.59 -2.13 41.95
CA VAL F 67 -35.28 -0.73 41.71
C VAL F 67 -35.75 -0.24 40.35
N LYS F 68 -36.43 -1.10 39.58
CA LYS F 68 -36.91 -0.69 38.27
C LYS F 68 -37.90 0.45 38.41
N GLY F 69 -37.72 1.48 37.60
CA GLY F 69 -38.54 2.68 37.67
C GLY F 69 -38.07 3.72 38.67
N ARG F 70 -37.77 3.29 39.90
CA ARG F 70 -37.31 4.22 40.91
C ARG F 70 -35.88 4.69 40.64
N PHE F 71 -35.00 3.77 40.28
CA PHE F 71 -33.59 4.07 40.11
C PHE F 71 -33.25 4.33 38.65
N THR F 72 -32.17 5.07 38.44
CA THR F 72 -31.69 5.38 37.11
C THR F 72 -30.18 5.46 37.13
N ILE F 73 -29.54 4.70 36.26
CA ILE F 73 -28.08 4.69 36.14
C ILE F 73 -27.69 5.47 34.89
N SER F 74 -26.69 6.33 35.03
CA SER F 74 -26.22 7.18 33.94
C SER F 74 -24.70 7.11 33.90
N ALA F 75 -24.14 7.64 32.82
CA ALA F 75 -22.70 7.76 32.67
C ALA F 75 -22.37 9.08 31.99
N ASP F 76 -21.42 9.80 32.56
CA ASP F 76 -20.87 11.01 31.94
C ASP F 76 -19.58 10.59 31.25
N THR F 77 -19.71 10.15 30.00
CA THR F 77 -18.57 9.62 29.27
C THR F 77 -17.47 10.64 29.07
N SER F 78 -17.79 11.94 29.18
CA SER F 78 -16.78 12.98 29.01
C SER F 78 -15.72 12.90 30.10
N LYS F 79 -16.13 12.71 31.35
CA LYS F 79 -15.21 12.70 32.49
C LYS F 79 -15.08 11.33 33.13
N ASN F 80 -15.59 10.27 32.49
CA ASN F 80 -15.43 8.89 32.97
C ASN F 80 -16.03 8.73 34.37
N THR F 81 -17.33 9.02 34.46
CA THR F 81 -18.04 8.98 35.73
C THR F 81 -19.45 8.47 35.51
N ALA F 82 -19.93 7.62 36.43
CA ALA F 82 -21.26 7.06 36.36
C ALA F 82 -22.08 7.53 37.55
N TYR F 83 -23.38 7.67 37.34
CA TYR F 83 -24.28 8.20 38.36
C TYR F 83 -25.46 7.25 38.55
N LEU F 84 -25.92 7.18 39.79
CA LEU F 84 -27.10 6.38 40.16
C LEU F 84 -28.08 7.31 40.86
N GLN F 85 -29.20 7.59 40.21
CA GLN F 85 -30.23 8.48 40.76
C GLN F 85 -31.30 7.61 41.42
N MET F 86 -31.28 7.56 42.75
CA MET F 86 -32.18 6.71 43.52
C MET F 86 -33.38 7.54 43.95
N ASN F 87 -34.33 7.70 43.03
CA ASN F 87 -35.54 8.46 43.30
C ASN F 87 -36.59 7.58 43.96
N SER F 88 -37.49 8.22 44.72
CA SER F 88 -38.57 7.53 45.44
C SER F 88 -38.00 6.44 46.35
N LEU F 89 -37.06 6.82 47.19
CA LEU F 89 -36.36 5.87 48.04
C LEU F 89 -37.30 5.27 49.09
N ARG F 90 -36.92 4.10 49.59
CA ARG F 90 -37.69 3.38 50.59
C ARG F 90 -36.77 2.95 51.73
N ALA F 91 -37.39 2.57 52.85
CA ALA F 91 -36.61 2.18 54.02
C ALA F 91 -35.78 0.93 53.76
N GLU F 92 -36.28 0.01 52.96
CA GLU F 92 -35.56 -1.21 52.65
C GLU F 92 -34.42 -1.00 51.66
N ASP F 93 -34.26 0.22 51.13
CA ASP F 93 -33.16 0.55 50.24
C ASP F 93 -31.89 0.94 50.97
N THR F 94 -31.88 0.92 52.30
CA THR F 94 -30.66 1.21 53.04
C THR F 94 -29.66 0.08 52.85
N ALA F 95 -28.43 0.45 52.49
CA ALA F 95 -27.39 -0.53 52.17
C ALA F 95 -26.09 0.24 51.95
N VAL F 96 -25.02 -0.52 51.71
CA VAL F 96 -23.75 0.03 51.26
C VAL F 96 -23.68 -0.20 49.76
N TYR F 97 -23.68 0.88 48.98
CA TYR F 97 -23.74 0.79 47.54
C TYR F 97 -22.33 0.79 46.97
N TYR F 98 -21.98 -0.30 46.27
CA TYR F 98 -20.67 -0.46 45.67
C TYR F 98 -20.76 -0.19 44.18
N CYS F 99 -19.75 0.50 43.64
CA CYS F 99 -19.61 0.69 42.21
C CYS F 99 -18.52 -0.25 41.72
N ALA F 100 -18.85 -1.08 40.74
CA ALA F 100 -17.95 -2.10 40.26
C ALA F 100 -17.77 -1.97 38.76
N ARG F 101 -16.65 -2.48 38.27
CA ARG F 101 -16.28 -2.40 36.87
C ARG F 101 -16.09 -3.81 36.31
N SER F 102 -16.55 -4.02 35.09
CA SER F 102 -16.34 -5.27 34.39
C SER F 102 -15.88 -4.96 32.96
N ARG F 103 -15.13 -5.89 32.38
CA ARG F 103 -14.69 -5.74 31.00
C ARG F 103 -15.90 -5.71 30.07
N GLN F 104 -15.82 -4.85 29.05
CA GLN F 104 -16.86 -4.84 28.03
C GLN F 104 -16.69 -6.01 27.07
N PHE F 105 -15.45 -6.37 26.76
CA PHE F 105 -15.13 -7.48 25.87
C PHE F 105 -14.11 -8.38 26.57
N TRP F 106 -14.58 -9.30 27.39
CA TRP F 106 -15.98 -9.51 27.75
C TRP F 106 -16.09 -9.70 29.26
N TYR F 107 -17.33 -9.71 29.75
CA TYR F 107 -17.58 -9.81 31.18
C TYR F 107 -16.87 -11.02 31.78
N SER F 108 -16.02 -10.74 32.77
CA SER F 108 -15.25 -11.77 33.46
C SER F 108 -15.26 -11.51 34.96
N GLY F 109 -16.42 -11.16 35.50
CA GLY F 109 -16.54 -10.79 36.89
C GLY F 109 -16.29 -9.30 37.11
N LEU F 110 -16.68 -8.85 38.30
CA LEU F 110 -16.48 -7.46 38.72
C LEU F 110 -15.08 -7.38 39.33
N ASP F 111 -14.09 -7.13 38.47
CA ASP F 111 -12.70 -7.20 38.88
C ASP F 111 -12.26 -6.01 39.73
N TYR F 112 -12.81 -4.82 39.48
CA TYR F 112 -12.49 -3.64 40.27
C TYR F 112 -13.74 -3.14 40.98
N TRP F 113 -13.61 -2.87 42.28
CA TRP F 113 -14.69 -2.35 43.10
C TRP F 113 -14.26 -1.01 43.71
N GLY F 114 -15.26 -0.19 44.04
CA GLY F 114 -15.02 1.00 44.83
C GLY F 114 -15.06 0.70 46.32
N GLN F 115 -14.82 1.75 47.11
CA GLN F 115 -14.80 1.58 48.55
C GLN F 115 -16.19 1.44 49.16
N GLY F 116 -17.23 1.86 48.44
CA GLY F 116 -18.58 1.75 48.96
C GLY F 116 -19.03 2.95 49.76
N THR F 117 -20.26 3.41 49.52
CA THR F 117 -20.83 4.52 50.26
C THR F 117 -22.15 4.07 50.88
N LEU F 118 -22.38 4.47 52.13
CA LEU F 118 -23.57 4.08 52.86
C LEU F 118 -24.73 5.00 52.52
N VAL F 119 -25.87 4.42 52.18
CA VAL F 119 -27.10 5.15 51.92
C VAL F 119 -28.11 4.72 52.98
N THR F 120 -28.39 5.59 53.94
CA THR F 120 -29.26 5.27 55.05
C THR F 120 -30.62 5.89 54.82
N VAL F 121 -31.66 5.07 54.91
CA VAL F 121 -33.03 5.55 54.75
C VAL F 121 -33.84 5.27 56.02
N ASP G 2 -35.46 -14.68 37.20
CA ASP G 2 -34.16 -14.71 37.86
C ASP G 2 -33.66 -16.14 38.05
N ILE G 3 -32.41 -16.27 38.47
CA ILE G 3 -31.78 -17.57 38.71
C ILE G 3 -31.34 -17.62 40.17
N GLN G 4 -31.78 -18.64 40.89
CA GLN G 4 -31.41 -18.79 42.29
C GLN G 4 -30.03 -19.41 42.39
N MET G 5 -29.11 -18.71 43.05
CA MET G 5 -27.74 -19.15 43.22
C MET G 5 -27.58 -19.67 44.65
N THR G 6 -27.94 -20.93 44.86
CA THR G 6 -27.92 -21.52 46.18
C THR G 6 -26.49 -21.88 46.57
N GLN G 7 -26.07 -21.40 47.74
CA GLN G 7 -24.70 -21.59 48.23
C GLN G 7 -24.73 -22.35 49.54
N SER G 8 -23.75 -23.24 49.71
CA SER G 8 -23.64 -24.05 50.92
C SER G 8 -22.17 -24.31 51.21
N PRO G 9 -21.76 -24.33 52.48
CA PRO G 9 -22.56 -24.08 53.69
C PRO G 9 -22.77 -22.59 53.94
N SER G 10 -23.69 -22.24 54.84
CA SER G 10 -23.85 -20.83 55.21
C SER G 10 -22.60 -20.31 55.91
N SER G 11 -21.95 -21.15 56.71
CA SER G 11 -20.69 -20.80 57.36
C SER G 11 -19.94 -22.09 57.66
N LEU G 12 -18.63 -21.95 57.80
CA LEU G 12 -17.78 -23.09 58.12
C LEU G 12 -16.58 -22.60 58.93
N SER G 13 -15.97 -23.54 59.66
CA SER G 13 -14.80 -23.27 60.47
C SER G 13 -13.67 -24.20 60.07
N ALA G 14 -12.45 -23.69 60.06
CA ALA G 14 -11.30 -24.48 59.65
C ALA G 14 -10.04 -23.90 60.29
N SER G 15 -8.98 -24.69 60.29
CA SER G 15 -7.71 -24.31 60.87
C SER G 15 -6.76 -23.83 59.76
N VAL G 16 -5.51 -23.55 60.14
CA VAL G 16 -4.50 -23.10 59.19
C VAL G 16 -3.96 -24.30 58.44
N GLY G 17 -3.99 -24.24 57.11
CA GLY G 17 -3.59 -25.35 56.27
C GLY G 17 -4.69 -26.33 55.95
N ASP G 18 -5.86 -26.18 56.55
CA ASP G 18 -6.98 -27.07 56.27
C ASP G 18 -7.55 -26.80 54.89
N ARG G 19 -8.07 -27.85 54.26
CA ARG G 19 -8.67 -27.75 52.94
C ARG G 19 -10.14 -27.36 53.09
N VAL G 20 -10.52 -26.27 52.43
CA VAL G 20 -11.87 -25.73 52.52
C VAL G 20 -12.52 -25.82 51.15
N THR G 21 -13.72 -26.39 51.10
CA THR G 21 -14.50 -26.51 49.87
C THR G 21 -15.83 -25.80 50.06
N ILE G 22 -16.11 -24.83 49.19
CA ILE G 22 -17.36 -24.07 49.21
C ILE G 22 -18.08 -24.34 47.90
N THR G 23 -19.34 -24.77 47.99
CA THR G 23 -20.11 -25.22 46.85
C THR G 23 -21.25 -24.24 46.58
N CYS G 24 -21.42 -23.88 45.32
CA CYS G 24 -22.53 -23.05 44.86
C CYS G 24 -23.32 -23.81 43.82
N ARG G 25 -24.65 -23.76 43.93
CA ARG G 25 -25.54 -24.48 43.03
C ARG G 25 -26.44 -23.51 42.30
N ALA G 26 -26.48 -23.62 40.98
CA ALA G 26 -27.35 -22.80 40.15
C ALA G 26 -28.66 -23.52 39.87
N SER G 27 -29.76 -22.77 39.97
CA SER G 27 -31.07 -23.37 39.70
C SER G 27 -31.19 -23.82 38.25
N GLN G 28 -30.72 -23.00 37.32
CA GLN G 28 -30.71 -23.33 35.91
C GLN G 28 -29.26 -23.52 35.44
N SER G 29 -29.11 -23.81 34.14
CA SER G 29 -27.79 -23.96 33.56
C SER G 29 -27.25 -22.59 33.20
N VAL G 30 -26.29 -22.11 33.99
CA VAL G 30 -25.67 -20.81 33.75
C VAL G 30 -24.36 -20.95 32.99
N SER G 31 -24.10 -22.12 32.41
CA SER G 31 -22.84 -22.42 31.70
C SER G 31 -21.70 -22.24 32.70
N SER G 32 -20.52 -21.88 32.21
CA SER G 32 -19.37 -21.60 33.06
C SER G 32 -19.34 -20.17 33.55
N ALA G 33 -20.33 -19.35 33.21
CA ALA G 33 -20.33 -17.95 33.58
C ALA G 33 -20.61 -17.78 35.06
N VAL G 34 -19.65 -18.17 35.91
CA VAL G 34 -19.77 -18.05 37.36
C VAL G 34 -18.48 -17.44 37.91
N ALA G 35 -18.63 -16.46 38.78
CA ALA G 35 -17.51 -15.78 39.42
C ALA G 35 -17.56 -16.00 40.92
N TRP G 36 -16.40 -15.86 41.56
CA TRP G 36 -16.28 -16.01 43.01
C TRP G 36 -15.59 -14.78 43.58
N TYR G 37 -16.09 -14.32 44.74
CA TYR G 37 -15.54 -13.17 45.43
C TYR G 37 -15.33 -13.50 46.90
N GLN G 38 -14.42 -12.77 47.52
CA GLN G 38 -14.27 -12.75 48.97
C GLN G 38 -14.40 -11.31 49.45
N GLN G 39 -15.11 -11.12 50.56
CA GLN G 39 -15.34 -9.80 51.13
C GLN G 39 -15.03 -9.85 52.61
N LYS G 40 -13.86 -9.34 53.00
CA LYS G 40 -13.56 -9.17 54.41
C LYS G 40 -14.47 -8.10 55.00
N PRO G 41 -14.83 -8.22 56.29
CA PRO G 41 -15.79 -7.29 56.87
C PRO G 41 -15.31 -5.84 56.78
N GLY G 42 -16.18 -4.97 56.27
CA GLY G 42 -15.89 -3.56 56.15
C GLY G 42 -15.16 -3.16 54.88
N LYS G 43 -14.77 -4.12 54.05
CA LYS G 43 -14.04 -3.85 52.82
C LYS G 43 -14.86 -4.28 51.61
N ALA G 44 -14.43 -3.83 50.44
CA ALA G 44 -15.11 -4.17 49.20
C ALA G 44 -14.88 -5.63 48.84
N PRO G 45 -15.79 -6.24 48.08
CA PRO G 45 -15.55 -7.60 47.59
C PRO G 45 -14.36 -7.65 46.64
N LYS G 46 -13.70 -8.80 46.60
CA LYS G 46 -12.50 -8.98 45.80
C LYS G 46 -12.67 -10.20 44.91
N LEU G 47 -12.52 -10.00 43.61
CA LEU G 47 -12.70 -11.10 42.66
C LEU G 47 -11.62 -12.16 42.84
N LEU G 48 -12.04 -13.42 42.84
CA LEU G 48 -11.13 -14.55 43.02
C LEU G 48 -11.03 -15.40 41.76
N ILE G 49 -12.16 -15.93 41.29
CA ILE G 49 -12.20 -16.80 40.12
C ILE G 49 -13.34 -16.35 39.23
N TYR G 50 -13.08 -16.29 37.93
CA TYR G 50 -14.10 -16.03 36.93
C TYR G 50 -14.18 -17.22 35.98
N SER G 51 -15.28 -17.29 35.23
CA SER G 51 -15.57 -18.41 34.33
C SER G 51 -15.59 -19.75 35.07
N ALA G 52 -15.76 -19.70 36.38
CA ALA G 52 -15.93 -20.84 37.27
C ALA G 52 -14.64 -21.64 37.46
N SER G 53 -13.62 -21.34 36.67
CA SER G 53 -12.33 -22.00 36.83
C SER G 53 -11.12 -21.09 36.65
N SER G 54 -11.27 -19.92 36.05
CA SER G 54 -10.12 -19.08 35.72
C SER G 54 -9.71 -18.25 36.92
N LEU G 55 -8.52 -18.50 37.44
CA LEU G 55 -8.01 -17.74 38.57
C LEU G 55 -7.69 -16.32 38.14
N TYR G 56 -8.16 -15.35 38.91
CA TYR G 56 -7.96 -13.95 38.56
C TYR G 56 -6.49 -13.57 38.68
N SER G 57 -6.11 -12.50 37.98
CA SER G 57 -4.72 -12.04 37.94
C SER G 57 -4.36 -11.45 39.30
N GLY G 58 -3.59 -12.19 40.08
CA GLY G 58 -3.10 -11.67 41.35
C GLY G 58 -3.46 -12.52 42.56
N VAL G 59 -4.66 -13.09 42.56
CA VAL G 59 -5.16 -13.90 43.67
C VAL G 59 -4.29 -15.14 43.82
N PRO G 60 -3.99 -15.58 45.04
CA PRO G 60 -3.07 -16.72 45.22
C PRO G 60 -3.61 -18.00 44.63
N SER G 61 -2.69 -18.92 44.33
CA SER G 61 -3.00 -20.17 43.66
C SER G 61 -3.76 -21.16 44.53
N ARG G 62 -3.81 -20.96 45.84
CA ARG G 62 -4.54 -21.89 46.70
C ARG G 62 -6.04 -21.86 46.42
N PHE G 63 -6.53 -20.83 45.75
CA PHE G 63 -7.93 -20.75 45.35
C PHE G 63 -8.11 -21.48 44.02
N SER G 64 -9.16 -22.29 43.93
CA SER G 64 -9.43 -23.03 42.72
C SER G 64 -10.93 -23.18 42.56
N GLY G 65 -11.40 -23.06 41.32
CA GLY G 65 -12.81 -23.20 41.00
C GLY G 65 -13.04 -24.37 40.07
N SER G 66 -14.18 -25.05 40.27
CA SER G 66 -14.57 -26.18 39.44
C SER G 66 -16.08 -26.18 39.29
N ARG G 67 -16.56 -26.76 38.20
CA ARG G 67 -17.99 -26.89 37.95
C ARG G 67 -18.31 -28.34 37.61
N SER G 68 -19.57 -28.70 37.85
CA SER G 68 -20.10 -30.00 37.45
C SER G 68 -21.58 -29.79 37.12
N GLY G 69 -21.86 -29.54 35.84
CA GLY G 69 -23.22 -29.23 35.44
C GLY G 69 -23.67 -27.90 35.99
N THR G 70 -24.57 -27.92 36.97
CA THR G 70 -25.03 -26.71 37.65
C THR G 70 -24.48 -26.62 39.08
N ASP G 71 -23.37 -27.30 39.36
CA ASP G 71 -22.76 -27.29 40.68
C ASP G 71 -21.36 -26.71 40.57
N PHE G 72 -21.14 -25.56 41.20
CA PHE G 72 -19.86 -24.87 41.19
C PHE G 72 -19.25 -24.89 42.57
N THR G 73 -17.95 -25.18 42.64
CA THR G 73 -17.27 -25.39 43.90
C THR G 73 -16.05 -24.48 43.99
N LEU G 74 -15.90 -23.81 45.13
CA LEU G 74 -14.70 -23.05 45.45
C LEU G 74 -13.87 -23.84 46.45
N THR G 75 -12.63 -24.12 46.10
CA THR G 75 -11.73 -24.91 46.93
C THR G 75 -10.53 -24.07 47.34
N ILE G 76 -10.20 -24.10 48.63
CA ILE G 76 -9.00 -23.47 49.16
C ILE G 76 -8.09 -24.59 49.63
N SER G 77 -6.93 -24.75 48.97
CA SER G 77 -6.04 -25.86 49.28
C SER G 77 -5.45 -25.71 50.68
N SER G 78 -4.70 -24.64 50.91
CA SER G 78 -4.15 -24.32 52.21
C SER G 78 -4.80 -23.03 52.73
N LEU G 79 -5.29 -23.07 53.96
CA LEU G 79 -6.00 -21.92 54.53
C LEU G 79 -5.00 -21.05 55.27
N GLN G 80 -4.52 -20.02 54.58
CA GLN G 80 -3.65 -19.04 55.19
C GLN G 80 -4.43 -18.21 56.21
N PRO G 81 -3.74 -17.59 57.17
CA PRO G 81 -4.46 -16.77 58.17
C PRO G 81 -5.21 -15.61 57.58
N GLU G 82 -4.90 -15.20 56.35
CA GLU G 82 -5.59 -14.09 55.69
C GLU G 82 -6.76 -14.54 54.83
N ASP G 83 -7.12 -15.82 54.87
CA ASP G 83 -8.14 -16.38 54.01
C ASP G 83 -9.50 -16.51 54.69
N PHE G 84 -9.68 -15.90 55.86
CA PHE G 84 -10.94 -15.99 56.60
C PHE G 84 -11.80 -14.78 56.25
N ALA G 85 -12.74 -14.98 55.33
CA ALA G 85 -13.65 -13.93 54.90
C ALA G 85 -14.97 -14.57 54.49
N THR G 86 -15.86 -13.78 53.90
CA THR G 86 -17.12 -14.27 53.37
C THR G 86 -17.01 -14.38 51.86
N TYR G 87 -17.32 -15.55 51.32
CA TYR G 87 -17.11 -15.85 49.92
C TYR G 87 -18.44 -15.94 49.20
N TYR G 88 -18.57 -15.19 48.10
CA TYR G 88 -19.80 -15.10 47.34
C TYR G 88 -19.62 -15.70 45.96
N CYS G 89 -20.65 -16.37 45.47
CA CYS G 89 -20.66 -16.91 44.12
C CYS G 89 -21.59 -16.08 43.24
N GLN G 90 -21.06 -15.59 42.13
CA GLN G 90 -21.82 -14.84 41.14
C GLN G 90 -22.08 -15.70 39.91
N GLN G 91 -23.27 -15.57 39.35
CA GLN G 91 -23.55 -16.00 37.99
C GLN G 91 -23.83 -14.76 37.15
N TYR G 92 -23.19 -14.67 35.99
CA TYR G 92 -23.40 -13.55 35.08
C TYR G 92 -23.84 -14.02 33.70
N LYS G 93 -24.44 -15.21 33.61
CA LYS G 93 -24.92 -15.70 32.34
C LYS G 93 -26.16 -14.93 31.88
N TYR G 94 -27.04 -14.59 32.81
CA TYR G 94 -28.29 -13.90 32.48
C TYR G 94 -28.50 -12.70 33.38
N VAL G 95 -29.16 -11.69 32.82
CA VAL G 95 -29.64 -10.53 33.58
C VAL G 95 -31.01 -10.88 34.13
N PRO G 96 -31.30 -10.62 35.41
CA PRO G 96 -30.46 -9.96 36.42
C PRO G 96 -29.36 -10.84 36.97
N VAL G 97 -28.23 -10.22 37.34
CA VAL G 97 -27.14 -10.95 37.97
C VAL G 97 -27.52 -11.30 39.40
N THR G 98 -27.34 -12.55 39.77
CA THR G 98 -27.63 -13.03 41.11
C THR G 98 -26.37 -13.54 41.77
N PHE G 99 -26.21 -13.20 43.05
CA PHE G 99 -25.07 -13.64 43.85
C PHE G 99 -25.48 -14.77 44.78
N GLY G 100 -24.49 -15.38 45.40
CA GLY G 100 -24.74 -16.30 46.48
C GLY G 100 -25.00 -15.58 47.78
N GLN G 101 -25.39 -16.35 48.79
CA GLN G 101 -25.65 -15.78 50.11
C GLN G 101 -24.39 -15.65 50.93
N GLY G 102 -23.24 -16.06 50.41
CA GLY G 102 -21.99 -15.92 51.15
C GLY G 102 -21.73 -17.10 52.06
N THR G 103 -20.44 -17.32 52.32
CA THR G 103 -19.99 -18.40 53.20
C THR G 103 -18.91 -17.82 54.11
N LYS G 104 -19.29 -17.48 55.34
CA LYS G 104 -18.32 -16.97 56.30
C LYS G 104 -17.39 -18.08 56.73
N VAL G 105 -16.09 -17.81 56.68
CA VAL G 105 -15.06 -18.77 57.06
C VAL G 105 -14.32 -18.19 58.26
N GLU G 106 -14.32 -18.92 59.37
CA GLU G 106 -13.68 -18.48 60.60
C GLU G 106 -12.63 -19.51 61.03
N ILE G 107 -12.01 -19.25 62.17
CA ILE G 107 -10.97 -20.11 62.70
C ILE G 107 -11.57 -21.20 63.59
N TPO H 7 -40.69 -30.16 22.80
CA TPO H 7 -40.93 -30.30 21.36
CB TPO H 7 -42.41 -30.19 21.06
CG2 TPO H 7 -43.14 -31.36 21.72
OG1 TPO H 7 -42.91 -28.96 21.57
P TPO H 7 -44.14 -28.52 20.64
O1P TPO H 7 -44.05 -27.08 20.36
O2P TPO H 7 -44.11 -29.36 19.26
O3P TPO H 7 -45.53 -28.83 21.41
C TPO H 7 -40.15 -29.23 20.58
O TPO H 7 -40.17 -29.23 19.35
N PHE H 8 -39.48 -28.35 21.29
CA PHE H 8 -38.67 -27.30 20.67
C PHE H 8 -37.34 -27.87 20.20
N TPO H 9 -36.66 -27.14 19.33
CA TPO H 9 -35.39 -27.57 18.75
CB TPO H 9 -35.02 -26.70 17.57
CG2 TPO H 9 -33.62 -27.07 17.06
OG1 TPO H 9 -35.96 -26.86 16.50
P TPO H 9 -36.39 -25.39 16.03
O1P TPO H 9 -36.47 -24.49 17.22
O2P TPO H 9 -35.29 -24.82 15.01
O3P TPO H 9 -37.83 -25.45 15.31
C TPO H 9 -34.27 -27.56 19.80
O TPO H 9 -34.02 -26.54 20.44
N PRO H 10 -33.61 -28.71 19.98
CA PRO H 10 -32.50 -28.86 20.93
C PRO H 10 -31.38 -27.85 20.68
N SEP H 11 -31.26 -26.86 21.54
CA SEP H 11 -30.24 -25.83 21.39
CB SEP H 11 -30.65 -24.56 22.12
OG SEP H 11 -31.10 -24.84 23.44
C SEP H 11 -28.88 -26.31 21.88
O SEP H 11 -28.75 -27.43 22.36
P SEP H 11 -31.91 -23.58 24.02
O1P SEP H 11 -32.78 -22.92 22.83
O2P SEP H 11 -32.88 -24.06 25.20
O3P SEP H 11 -30.86 -22.49 24.57
N TPO H 12 -27.89 -25.44 21.78
CA TPO H 12 -26.52 -25.79 22.09
CB TPO H 12 -25.56 -24.86 21.37
CG2 TPO H 12 -24.13 -25.37 21.53
OG1 TPO H 12 -25.90 -24.81 19.99
P TPO H 12 -26.55 -23.38 19.70
O1P TPO H 12 -25.67 -22.31 20.21
O2P TPO H 12 -26.75 -23.20 18.10
O3P TPO H 12 -27.99 -23.29 20.42
C TPO H 12 -26.26 -25.75 23.60
O TPO H 12 -26.65 -24.80 24.28
N TPO H 13 -25.61 -26.79 24.11
CA TPO H 13 -25.21 -26.83 25.51
CB TPO H 13 -26.17 -27.69 26.31
CG2 TPO H 13 -26.28 -29.08 25.69
OG1 TPO H 13 -25.67 -27.80 27.65
P TPO H 13 -26.70 -27.01 28.60
O1P TPO H 13 -27.82 -27.90 28.98
O2P TPO H 13 -27.29 -25.72 27.84
O3P TPO H 13 -25.93 -26.54 29.94
C TPO H 13 -23.79 -27.35 25.62
O TPO H 13 -23.13 -27.61 24.62
N ASP H 14 -23.31 -27.50 26.85
CA ASP H 14 -21.94 -27.96 27.09
C ASP H 14 -21.92 -29.32 27.77
N TPO H 15 -20.73 -29.89 27.87
CA TPO H 15 -20.52 -31.12 28.62
CB TPO H 15 -21.02 -32.33 27.83
CG2 TPO H 15 -20.31 -32.43 26.48
OG1 TPO H 15 -20.78 -33.52 28.59
P TPO H 15 -22.22 -34.09 29.04
O1P TPO H 15 -23.01 -34.43 27.84
O2P TPO H 15 -22.01 -35.41 29.93
O3P TPO H 15 -23.00 -32.98 29.90
C TPO H 15 -19.03 -31.26 28.95
O TPO H 15 -18.18 -30.81 28.19
N SEP H 16 -18.74 -31.86 30.09
CA SEP H 16 -17.35 -32.06 30.49
CB SEP H 16 -17.25 -32.48 31.96
OG SEP H 16 -18.33 -33.33 32.32
C SEP H 16 -16.71 -33.12 29.59
O SEP H 16 -17.36 -34.08 29.20
P SEP H 16 -19.26 -32.59 33.42
O1P SEP H 16 -18.33 -31.83 34.50
O2P SEP H 16 -20.20 -31.51 32.68
O3P SEP H 16 -20.18 -33.67 34.16
N THR H 17 -15.44 -32.94 29.26
CA THR H 17 -14.74 -33.83 28.34
C THR H 17 -14.29 -35.12 29.02
N ARG H 18 -14.75 -35.33 30.24
CA ARG H 18 -14.39 -36.53 30.99
C ARG H 18 -15.64 -37.33 31.37
#